data_4B8Z
#
_entry.id   4B8Z
#
_cell.length_a   91.447
_cell.length_b   91.447
_cell.length_c   429.130
_cell.angle_alpha   90.00
_cell.angle_beta   90.00
_cell.angle_gamma   120.00
#
_symmetry.space_group_name_H-M   'H 3'
#
loop_
_entity.id
_entity.type
_entity.pdbx_description
1 polymer 'GDP-L-FUCOSE SYNTHASE'
2 non-polymer 'NADP NICOTINAMIDE-ADENINE-DINUCLEOTIDE PHOSPHATE'
3 non-polymer "GUANOSINE-5'-DIPHOSPHATE"
4 water water
#
_entity_poly.entity_id   1
_entity_poly.type   'polypeptide(L)'
_entity_poly.pdbx_seq_one_letter_code
;ENLYFQSMRILVTGGSGLVGKAIQKVVADGAGLPGEDWVFVSSKDADLTDTAQTRALFEKVQPTHVIHLAAMVGGLFRNI
KYNLDFWRKNVHMNDNVLHSAFEVGARKVVSCLSTCIFPDKTTYPIDETMIHNGPPHNSNFGYSYAKRMIDVQNRAYFQQ
YGCTFTAVIPTNVFGPHDNFNIEDGHVLPGLIHKVHLAKSSGSALTVWGTGNPRRQFIYSLDLAQLFIWVLREYNEVEPI
ILSVGEEDEVSIKEAAEAVVEAMDFHGEVTFDTTKSDGQFKKTASNSKLRTYLPDFRFTPFKQAVKETCAWFTDNYEQAR
;
_entity_poly.pdbx_strand_id   A,B,C,D
#
# COMPACT_ATOMS: atom_id res chain seq x y z
N MET A 8 -11.55 -7.08 -3.03
CA MET A 8 -11.97 -6.58 -1.71
C MET A 8 -13.09 -5.53 -1.84
N ARG A 9 -13.99 -5.51 -0.85
CA ARG A 9 -15.13 -4.59 -0.77
C ARG A 9 -15.28 -4.16 0.68
N ILE A 10 -14.86 -2.92 0.99
CA ILE A 10 -14.87 -2.40 2.36
C ILE A 10 -16.05 -1.45 2.59
N LEU A 11 -17.00 -1.86 3.44
CA LEU A 11 -18.15 -1.03 3.82
C LEU A 11 -17.80 -0.30 5.11
N VAL A 12 -17.67 1.03 5.05
CA VAL A 12 -17.33 1.86 6.21
C VAL A 12 -18.60 2.55 6.71
N THR A 13 -19.13 2.06 7.86
CA THR A 13 -20.35 2.61 8.48
C THR A 13 -19.96 3.87 9.24
N GLY A 14 -20.84 4.88 9.23
CA GLY A 14 -20.60 6.16 9.87
C GLY A 14 -19.37 6.86 9.33
N GLY A 15 -19.30 6.93 8.00
CA GLY A 15 -18.19 7.53 7.25
C GLY A 15 -18.22 9.04 7.11
N SER A 16 -19.26 9.70 7.66
CA SER A 16 -19.43 11.15 7.61
C SER A 16 -18.98 11.84 8.92
N GLY A 17 -18.46 11.06 9.86
CA GLY A 17 -17.99 11.57 11.13
C GLY A 17 -16.52 11.93 11.16
N LEU A 18 -15.98 12.21 12.39
CA LEU A 18 -14.58 12.57 12.61
C LEU A 18 -13.61 11.49 12.10
N VAL A 19 -13.83 10.22 12.50
CA VAL A 19 -12.98 9.09 12.09
C VAL A 19 -13.26 8.70 10.62
N GLY A 20 -14.54 8.79 10.22
CA GLY A 20 -14.99 8.47 8.86
C GLY A 20 -14.37 9.34 7.78
N LYS A 21 -14.40 10.68 7.96
CA LYS A 21 -13.84 11.65 7.01
C LYS A 21 -12.31 11.56 7.00
N ALA A 22 -11.70 11.17 8.13
CA ALA A 22 -10.26 10.98 8.26
C ALA A 22 -9.79 9.79 7.41
N ILE A 23 -10.54 8.65 7.47
CA ILE A 23 -10.25 7.46 6.66
C ILE A 23 -10.52 7.79 5.19
N GLN A 24 -11.58 8.59 4.92
CA GLN A 24 -11.98 9.08 3.59
C GLN A 24 -10.86 9.93 2.96
N LYS A 25 -10.25 10.84 3.76
CA LYS A 25 -9.17 11.73 3.34
C LYS A 25 -7.86 10.96 3.08
N VAL A 26 -7.50 10.01 3.98
CA VAL A 26 -6.27 9.19 3.89
C VAL A 26 -6.33 8.31 2.61
N VAL A 27 -7.46 7.61 2.38
CA VAL A 27 -7.70 6.74 1.22
C VAL A 27 -7.59 7.55 -0.08
N ALA A 28 -8.21 8.76 -0.11
CA ALA A 28 -8.18 9.67 -1.26
C ALA A 28 -6.79 10.28 -1.50
N ASP A 29 -5.99 10.47 -0.42
CA ASP A 29 -4.63 11.03 -0.50
C ASP A 29 -3.58 10.00 -0.97
N GLY A 30 -4.01 8.79 -1.32
CA GLY A 30 -3.15 7.73 -1.83
C GLY A 30 -2.76 6.68 -0.81
N ALA A 31 -3.75 5.88 -0.38
CA ALA A 31 -3.56 4.80 0.60
C ALA A 31 -4.33 3.55 0.21
N GLY A 32 -5.36 3.72 -0.62
CA GLY A 32 -6.20 2.63 -1.12
C GLY A 32 -5.46 1.78 -2.13
N LEU A 33 -5.10 0.55 -1.72
CA LEU A 33 -4.38 -0.44 -2.53
C LEU A 33 -5.24 -0.92 -3.72
N PRO A 34 -4.64 -1.28 -4.90
CA PRO A 34 -5.48 -1.72 -6.03
C PRO A 34 -6.29 -2.98 -5.71
N GLY A 35 -7.57 -2.97 -6.12
CA GLY A 35 -8.50 -4.05 -5.88
C GLY A 35 -9.36 -3.86 -4.64
N GLU A 36 -9.47 -2.61 -4.16
CA GLU A 36 -10.25 -2.22 -2.99
C GLU A 36 -11.39 -1.26 -3.34
N ASP A 37 -12.62 -1.63 -2.97
CA ASP A 37 -13.81 -0.81 -3.18
C ASP A 37 -14.26 -0.23 -1.83
N TRP A 38 -14.03 1.08 -1.65
CA TRP A 38 -14.36 1.80 -0.41
C TRP A 38 -15.75 2.44 -0.51
N VAL A 39 -16.69 1.94 0.32
CA VAL A 39 -18.07 2.42 0.37
C VAL A 39 -18.31 3.05 1.76
N PHE A 40 -18.36 4.39 1.80
CA PHE A 40 -18.58 5.18 3.01
C PHE A 40 -20.05 5.54 3.10
N VAL A 41 -20.75 5.08 4.15
CA VAL A 41 -22.17 5.34 4.33
C VAL A 41 -22.42 6.17 5.60
N SER A 42 -23.62 6.77 5.69
CA SER A 42 -24.09 7.56 6.82
C SER A 42 -25.52 7.14 7.19
N SER A 43 -26.23 7.93 8.03
CA SER A 43 -27.62 7.64 8.43
C SER A 43 -28.59 7.81 7.25
N LYS A 44 -28.25 8.68 6.27
CA LYS A 44 -29.04 8.95 5.06
C LYS A 44 -29.10 7.72 4.16
N ASP A 45 -28.02 6.91 4.16
CA ASP A 45 -27.90 5.69 3.37
C ASP A 45 -28.73 4.56 4.00
N ALA A 46 -28.73 4.48 5.36
CA ALA A 46 -29.49 3.52 6.18
C ALA A 46 -29.39 3.86 7.67
N ASP A 47 -30.54 3.91 8.36
CA ASP A 47 -30.61 4.13 9.80
C ASP A 47 -30.23 2.81 10.43
N LEU A 48 -28.99 2.71 10.97
CA LEU A 48 -28.44 1.47 11.49
C LEU A 48 -29.12 0.96 12.77
N THR A 49 -30.06 1.72 13.36
CA THR A 49 -30.85 1.27 14.52
C THR A 49 -31.99 0.38 14.01
N ASP A 50 -32.38 0.56 12.73
CA ASP A 50 -33.41 -0.21 12.02
C ASP A 50 -32.79 -1.46 11.40
N THR A 51 -33.29 -2.65 11.80
CA THR A 51 -32.83 -3.96 11.35
C THR A 51 -33.06 -4.17 9.85
N ALA A 52 -34.24 -3.76 9.33
CA ALA A 52 -34.61 -3.91 7.92
C ALA A 52 -33.73 -3.03 7.01
N GLN A 53 -33.47 -1.77 7.40
CA GLN A 53 -32.66 -0.82 6.66
C GLN A 53 -31.19 -1.27 6.55
N THR A 54 -30.63 -1.83 7.66
CA THR A 54 -29.26 -2.33 7.73
C THR A 54 -29.09 -3.57 6.85
N ARG A 55 -30.05 -4.53 6.93
CA ARG A 55 -30.05 -5.77 6.15
C ARG A 55 -30.04 -5.46 4.67
N ALA A 56 -30.85 -4.45 4.24
CA ALA A 56 -30.96 -3.99 2.85
C ALA A 56 -29.66 -3.36 2.34
N LEU A 57 -28.94 -2.61 3.22
CA LEU A 57 -27.67 -1.96 2.89
C LEU A 57 -26.56 -3.00 2.69
N PHE A 58 -26.49 -4.01 3.58
CA PHE A 58 -25.51 -5.10 3.54
C PHE A 58 -25.82 -6.08 2.39
N GLU A 59 -27.09 -6.14 1.94
CA GLU A 59 -27.49 -7.00 0.84
C GLU A 59 -27.15 -6.34 -0.50
N LYS A 60 -27.40 -5.02 -0.63
CA LYS A 60 -27.11 -4.22 -1.83
C LYS A 60 -25.59 -4.04 -1.99
N VAL A 61 -24.93 -3.58 -0.92
CA VAL A 61 -23.48 -3.42 -0.85
C VAL A 61 -22.95 -4.66 -0.15
N GLN A 62 -22.58 -5.71 -0.93
CA GLN A 62 -22.08 -6.98 -0.38
C GLN A 62 -20.59 -6.83 -0.04
N PRO A 63 -20.22 -6.63 1.25
CA PRO A 63 -18.81 -6.41 1.57
C PRO A 63 -18.06 -7.66 2.04
N THR A 64 -16.74 -7.63 1.86
CA THR A 64 -15.80 -8.67 2.30
C THR A 64 -15.20 -8.21 3.62
N HIS A 65 -15.01 -6.89 3.75
CA HIS A 65 -14.45 -6.23 4.94
C HIS A 65 -15.38 -5.12 5.40
N VAL A 66 -15.47 -4.91 6.73
CA VAL A 66 -16.34 -3.91 7.35
C VAL A 66 -15.56 -3.10 8.40
N ILE A 67 -15.65 -1.76 8.31
CA ILE A 67 -15.11 -0.82 9.29
C ILE A 67 -16.34 -0.19 9.94
N HIS A 68 -16.66 -0.63 11.17
CA HIS A 68 -17.85 -0.17 11.88
C HIS A 68 -17.51 1.00 12.81
N LEU A 69 -17.97 2.21 12.43
CA LEU A 69 -17.75 3.46 13.17
C LEU A 69 -19.06 4.09 13.64
N ALA A 70 -20.19 3.72 13.00
CA ALA A 70 -21.53 4.24 13.32
C ALA A 70 -21.87 4.00 14.80
N ALA A 71 -22.05 5.10 15.55
CA ALA A 71 -22.37 5.10 16.98
C ALA A 71 -22.86 6.46 17.45
N MET A 72 -23.59 6.46 18.58
CA MET A 72 -24.00 7.66 19.28
C MET A 72 -22.77 8.08 20.10
N VAL A 73 -22.12 9.16 19.66
CA VAL A 73 -20.90 9.67 20.29
C VAL A 73 -21.15 11.10 20.76
N GLY A 74 -20.72 11.37 21.99
CA GLY A 74 -20.87 12.68 22.62
C GLY A 74 -19.80 12.94 23.66
N GLY A 75 -19.76 14.17 24.13
CA GLY A 75 -18.81 14.58 25.16
C GLY A 75 -19.19 14.04 26.52
N LEU A 76 -18.44 14.44 27.55
CA LEU A 76 -18.69 14.02 28.92
C LEU A 76 -20.10 14.41 29.36
N PHE A 77 -20.43 15.68 29.18
CA PHE A 77 -21.70 16.28 29.60
C PHE A 77 -22.92 15.76 28.81
N ARG A 78 -22.73 15.17 27.59
CA ARG A 78 -23.82 14.55 26.83
C ARG A 78 -24.11 13.14 27.40
N ASN A 79 -23.04 12.40 27.73
CA ASN A 79 -23.10 11.04 28.29
C ASN A 79 -23.76 11.05 29.67
N ILE A 80 -23.41 12.06 30.52
CA ILE A 80 -23.95 12.23 31.87
C ILE A 80 -25.47 12.47 31.83
N LYS A 81 -25.97 12.97 30.70
CA LYS A 81 -27.36 13.32 30.45
C LYS A 81 -28.21 12.20 29.85
N TYR A 82 -27.65 11.44 28.85
CA TYR A 82 -28.45 10.44 28.12
C TYR A 82 -27.80 9.03 28.08
N ASN A 83 -27.53 8.42 29.25
CA ASN A 83 -26.93 7.08 29.32
C ASN A 83 -27.85 5.97 28.78
N LEU A 84 -29.20 6.15 28.82
CA LEU A 84 -30.16 5.17 28.28
C LEU A 84 -30.06 5.18 26.75
N ASP A 85 -30.04 6.39 26.14
CA ASP A 85 -29.92 6.60 24.69
C ASP A 85 -28.59 6.09 24.17
N PHE A 86 -27.47 6.37 24.88
CA PHE A 86 -26.12 5.91 24.52
C PHE A 86 -26.04 4.37 24.57
N TRP A 87 -26.77 3.75 25.50
CA TRP A 87 -26.82 2.30 25.64
C TRP A 87 -27.68 1.67 24.53
N ARG A 88 -28.98 2.06 24.47
CA ARG A 88 -29.96 1.51 23.54
C ARG A 88 -29.61 1.74 22.06
N LYS A 89 -29.39 3.00 21.63
CA LYS A 89 -29.08 3.34 20.24
C LYS A 89 -27.81 2.63 19.71
N ASN A 90 -26.75 2.54 20.54
CA ASN A 90 -25.50 1.88 20.15
C ASN A 90 -25.65 0.34 20.06
N VAL A 91 -26.32 -0.30 21.04
CA VAL A 91 -26.54 -1.76 21.06
C VAL A 91 -27.31 -2.20 19.80
N HIS A 92 -28.34 -1.42 19.39
CA HIS A 92 -29.11 -1.68 18.18
C HIS A 92 -28.23 -1.59 16.93
N MET A 93 -27.44 -0.50 16.80
CA MET A 93 -26.51 -0.27 15.68
C MET A 93 -25.45 -1.35 15.60
N ASN A 94 -24.86 -1.73 16.75
CA ASN A 94 -23.81 -2.75 16.81
C ASN A 94 -24.33 -4.13 16.42
N ASP A 95 -25.48 -4.55 16.97
CA ASP A 95 -26.08 -5.85 16.67
C ASP A 95 -26.51 -5.95 15.20
N ASN A 96 -27.12 -4.88 14.66
CA ASN A 96 -27.59 -4.86 13.27
C ASN A 96 -26.42 -4.92 12.29
N VAL A 97 -25.30 -4.21 12.56
CA VAL A 97 -24.12 -4.21 11.68
C VAL A 97 -23.36 -5.55 11.78
N LEU A 98 -23.09 -6.04 13.00
CA LEU A 98 -22.35 -7.29 13.22
C LEU A 98 -23.10 -8.51 12.68
N HIS A 99 -24.42 -8.62 12.92
CA HIS A 99 -25.17 -9.77 12.46
C HIS A 99 -25.47 -9.72 10.96
N SER A 100 -25.61 -8.51 10.39
CA SER A 100 -25.83 -8.34 8.94
C SER A 100 -24.57 -8.71 8.17
N ALA A 101 -23.40 -8.41 8.73
CA ALA A 101 -22.09 -8.74 8.15
C ALA A 101 -21.85 -10.25 8.20
N PHE A 102 -22.42 -10.92 9.22
CA PHE A 102 -22.32 -12.36 9.43
C PHE A 102 -23.16 -13.11 8.37
N GLU A 103 -24.45 -12.72 8.16
CA GLU A 103 -25.35 -13.38 7.21
C GLU A 103 -24.94 -13.11 5.75
N VAL A 104 -24.23 -11.98 5.47
CA VAL A 104 -23.75 -11.63 4.13
C VAL A 104 -22.39 -12.35 3.89
N GLY A 105 -21.76 -12.81 4.97
CA GLY A 105 -20.52 -13.56 4.92
C GLY A 105 -19.27 -12.70 4.77
N ALA A 106 -19.14 -11.64 5.59
CA ALA A 106 -17.99 -10.75 5.58
C ALA A 106 -16.78 -11.45 6.21
N ARG A 107 -15.64 -11.42 5.51
CA ARG A 107 -14.39 -12.04 5.94
C ARG A 107 -13.82 -11.40 7.22
N LYS A 108 -13.97 -10.08 7.39
CA LYS A 108 -13.44 -9.35 8.54
C LYS A 108 -14.31 -8.14 8.90
N VAL A 109 -14.53 -7.92 10.20
CA VAL A 109 -15.31 -6.79 10.72
C VAL A 109 -14.50 -6.14 11.85
N VAL A 110 -14.07 -4.89 11.64
CA VAL A 110 -13.30 -4.14 12.63
C VAL A 110 -14.21 -3.07 13.21
N SER A 111 -14.66 -3.28 14.46
CA SER A 111 -15.52 -2.32 15.15
C SER A 111 -14.69 -1.31 15.92
N CYS A 112 -15.33 -0.29 16.47
CA CYS A 112 -14.59 0.72 17.22
C CYS A 112 -15.09 0.79 18.66
N LEU A 113 -14.14 0.76 19.60
CA LEU A 113 -14.36 0.84 21.04
C LEU A 113 -13.79 2.20 21.53
N SER A 114 -13.48 2.35 22.84
CA SER A 114 -12.94 3.58 23.42
C SER A 114 -12.18 3.29 24.72
N THR A 115 -11.26 4.18 25.14
CA THR A 115 -10.50 3.97 26.38
C THR A 115 -11.32 4.38 27.61
N CYS A 116 -12.46 5.08 27.41
CA CYS A 116 -13.34 5.52 28.49
C CYS A 116 -14.30 4.39 28.93
N ILE A 117 -14.27 3.24 28.23
CA ILE A 117 -15.11 2.07 28.50
C ILE A 117 -14.45 1.18 29.57
N PHE A 118 -13.17 1.40 29.87
CA PHE A 118 -12.38 0.60 30.81
C PHE A 118 -12.84 0.77 32.27
N PRO A 119 -12.51 -0.21 33.17
CA PRO A 119 -12.95 -0.10 34.57
C PRO A 119 -12.42 1.15 35.26
N ASP A 120 -13.26 1.80 36.09
CA ASP A 120 -12.90 3.02 36.83
C ASP A 120 -11.82 2.71 37.88
N LYS A 121 -12.02 1.63 38.67
CA LYS A 121 -11.05 1.18 39.67
C LYS A 121 -10.16 0.12 39.02
N THR A 122 -8.96 0.54 38.57
CA THR A 122 -8.01 -0.33 37.87
C THR A 122 -6.55 0.08 38.13
N THR A 123 -5.62 -0.78 37.66
CA THR A 123 -4.19 -0.54 37.71
C THR A 123 -3.83 0.19 36.42
N TYR A 124 -2.79 1.02 36.43
CA TYR A 124 -2.36 1.77 35.25
C TYR A 124 -0.94 1.37 34.83
N PRO A 125 -0.63 1.27 33.50
CA PRO A 125 -1.48 1.56 32.35
C PRO A 125 -2.46 0.42 32.04
N ILE A 126 -3.58 0.79 31.40
CA ILE A 126 -4.66 -0.09 30.98
C ILE A 126 -4.21 -0.87 29.73
N ASP A 127 -4.62 -2.14 29.60
CA ASP A 127 -4.30 -2.94 28.42
C ASP A 127 -5.58 -3.62 27.89
N GLU A 128 -5.46 -4.30 26.74
CA GLU A 128 -6.56 -4.97 26.02
C GLU A 128 -7.19 -6.16 26.78
N THR A 129 -6.56 -6.64 27.87
CA THR A 129 -7.04 -7.78 28.67
C THR A 129 -7.88 -7.31 29.88
N MET A 130 -7.77 -6.03 30.26
CA MET A 130 -8.45 -5.43 31.42
C MET A 130 -9.87 -4.91 31.10
N ILE A 131 -10.29 -4.99 29.81
CA ILE A 131 -11.55 -4.49 29.25
C ILE A 131 -12.82 -4.76 30.11
N HIS A 132 -12.94 -5.93 30.76
CA HIS A 132 -14.12 -6.31 31.53
C HIS A 132 -13.85 -6.52 33.04
N ASN A 133 -12.67 -6.11 33.54
CA ASN A 133 -12.26 -6.31 34.93
C ASN A 133 -12.80 -5.21 35.88
N GLY A 134 -14.12 -5.11 35.97
CA GLY A 134 -14.76 -4.13 36.84
C GLY A 134 -15.66 -3.13 36.13
N PRO A 135 -16.56 -2.43 36.87
CA PRO A 135 -17.48 -1.49 36.21
C PRO A 135 -16.80 -0.24 35.68
N PRO A 136 -17.33 0.37 34.60
CA PRO A 136 -16.74 1.60 34.07
C PRO A 136 -17.15 2.80 34.92
N HIS A 137 -16.80 4.02 34.48
CA HIS A 137 -17.16 5.25 35.18
C HIS A 137 -18.68 5.46 35.11
N ASN A 138 -19.27 5.99 36.19
CA ASN A 138 -20.71 6.21 36.33
C ASN A 138 -21.27 7.23 35.32
N SER A 139 -20.45 8.17 34.85
CA SER A 139 -20.86 9.22 33.91
C SER A 139 -21.24 8.68 32.51
N ASN A 140 -20.49 7.68 31.99
CA ASN A 140 -20.70 7.14 30.65
C ASN A 140 -20.96 5.62 30.62
N PHE A 141 -21.50 5.02 31.71
CA PHE A 141 -21.73 3.58 31.82
C PHE A 141 -22.54 3.00 30.65
N GLY A 142 -23.50 3.77 30.11
CA GLY A 142 -24.34 3.38 28.99
C GLY A 142 -23.55 3.10 27.73
N TYR A 143 -22.80 4.11 27.26
CA TYR A 143 -21.92 4.06 26.08
C TYR A 143 -20.82 3.01 26.30
N SER A 144 -20.20 3.01 27.50
CA SER A 144 -19.13 2.08 27.89
C SER A 144 -19.54 0.61 27.76
N TYR A 145 -20.70 0.22 28.34
CA TYR A 145 -21.20 -1.16 28.26
C TYR A 145 -21.62 -1.54 26.84
N ALA A 146 -22.18 -0.59 26.05
CA ALA A 146 -22.57 -0.83 24.64
C ALA A 146 -21.34 -1.22 23.79
N LYS A 147 -20.20 -0.53 24.02
CA LYS A 147 -18.94 -0.78 23.33
C LYS A 147 -18.27 -2.04 23.89
N ARG A 148 -18.42 -2.32 25.21
CA ARG A 148 -17.89 -3.53 25.85
C ARG A 148 -18.56 -4.78 25.30
N MET A 149 -19.85 -4.67 24.91
CA MET A 149 -20.65 -5.76 24.36
C MET A 149 -20.27 -6.05 22.91
N ILE A 150 -19.51 -5.14 22.24
CA ILE A 150 -18.99 -5.37 20.89
C ILE A 150 -17.98 -6.50 21.00
N ASP A 151 -17.05 -6.39 21.98
CA ASP A 151 -16.01 -7.38 22.25
C ASP A 151 -16.65 -8.74 22.63
N VAL A 152 -17.73 -8.71 23.43
CA VAL A 152 -18.49 -9.90 23.88
C VAL A 152 -19.08 -10.59 22.63
N GLN A 153 -19.68 -9.81 21.71
CA GLN A 153 -20.25 -10.31 20.46
C GLN A 153 -19.14 -10.84 19.53
N ASN A 154 -18.00 -10.10 19.43
CA ASN A 154 -16.83 -10.49 18.62
C ASN A 154 -16.30 -11.87 19.05
N ARG A 155 -16.22 -12.11 20.38
CA ARG A 155 -15.78 -13.37 20.98
C ARG A 155 -16.77 -14.50 20.66
N ALA A 156 -18.08 -14.21 20.74
CA ALA A 156 -19.19 -15.15 20.49
C ALA A 156 -19.22 -15.63 19.04
N TYR A 157 -18.99 -14.73 18.05
CA TYR A 157 -18.96 -15.09 16.62
C TYR A 157 -17.73 -15.91 16.30
N PHE A 158 -16.58 -15.55 16.92
CA PHE A 158 -15.31 -16.23 16.70
C PHE A 158 -15.28 -17.63 17.31
N GLN A 159 -15.73 -17.79 18.56
CA GLN A 159 -15.72 -19.08 19.25
C GLN A 159 -16.74 -20.08 18.68
N GLN A 160 -17.89 -19.59 18.14
CA GLN A 160 -18.96 -20.43 17.60
C GLN A 160 -18.90 -20.65 16.08
N TYR A 161 -18.39 -19.68 15.29
CA TYR A 161 -18.35 -19.80 13.84
C TYR A 161 -16.95 -19.60 13.20
N GLY A 162 -15.99 -19.09 13.97
CA GLY A 162 -14.63 -18.85 13.49
C GLY A 162 -14.44 -17.53 12.78
N CYS A 163 -15.39 -16.59 12.95
CA CYS A 163 -15.40 -15.26 12.34
C CYS A 163 -14.27 -14.41 12.88
N THR A 164 -13.55 -13.73 11.99
CA THR A 164 -12.47 -12.82 12.39
C THR A 164 -13.11 -11.44 12.60
N PHE A 165 -13.93 -11.36 13.66
CA PHE A 165 -14.62 -10.15 14.10
C PHE A 165 -13.77 -9.57 15.22
N THR A 166 -13.13 -8.43 14.96
CA THR A 166 -12.24 -7.80 15.94
C THR A 166 -12.70 -6.36 16.20
N ALA A 167 -11.89 -5.60 16.96
CA ALA A 167 -12.16 -4.21 17.34
C ALA A 167 -10.86 -3.46 17.63
N VAL A 168 -10.93 -2.13 17.60
CA VAL A 168 -9.81 -1.24 17.92
C VAL A 168 -10.22 -0.35 19.09
N ILE A 169 -9.27 0.03 19.94
CA ILE A 169 -9.58 0.87 21.10
C ILE A 169 -8.80 2.22 20.99
N PRO A 170 -9.36 3.24 20.32
CA PRO A 170 -8.64 4.53 20.27
C PRO A 170 -8.84 5.37 21.55
N THR A 171 -7.97 6.36 21.74
CA THR A 171 -8.05 7.31 22.85
C THR A 171 -8.93 8.49 22.38
N ASN A 172 -8.91 9.64 23.09
CA ASN A 172 -9.69 10.81 22.70
C ASN A 172 -9.20 11.34 21.34
N VAL A 173 -9.97 11.08 20.28
CA VAL A 173 -9.64 11.51 18.93
C VAL A 173 -10.07 12.97 18.70
N PHE A 174 -9.34 13.65 17.81
CA PHE A 174 -9.57 15.05 17.43
C PHE A 174 -9.08 15.27 16.00
N GLY A 175 -9.63 16.28 15.34
CA GLY A 175 -9.26 16.65 13.99
C GLY A 175 -10.38 17.30 13.20
N PRO A 176 -10.24 17.41 11.86
CA PRO A 176 -11.32 18.00 11.06
C PRO A 176 -12.56 17.11 10.98
N HIS A 177 -13.73 17.75 10.73
CA HIS A 177 -15.08 17.15 10.62
C HIS A 177 -15.54 16.58 11.98
N ASP A 178 -15.16 17.29 13.06
CA ASP A 178 -15.49 17.00 14.45
C ASP A 178 -16.80 17.69 14.82
N ASN A 179 -17.39 17.33 15.98
CA ASN A 179 -18.59 17.98 16.50
C ASN A 179 -18.10 19.11 17.41
N PHE A 180 -18.23 20.35 16.92
CA PHE A 180 -17.74 21.53 17.65
C PHE A 180 -18.84 22.19 18.50
N ASN A 181 -19.92 21.45 18.82
CA ASN A 181 -20.97 21.93 19.71
C ASN A 181 -20.44 21.82 21.14
N ILE A 182 -20.14 22.96 21.78
CA ILE A 182 -19.55 23.04 23.13
C ILE A 182 -20.32 22.21 24.16
N GLU A 183 -21.67 22.17 24.06
CA GLU A 183 -22.56 21.45 24.96
C GLU A 183 -22.46 19.93 24.79
N ASP A 184 -22.57 19.41 23.54
CA ASP A 184 -22.59 17.97 23.23
C ASP A 184 -21.26 17.38 22.73
N GLY A 185 -20.26 18.24 22.53
CA GLY A 185 -18.95 17.84 22.05
C GLY A 185 -17.92 17.51 23.12
N HIS A 186 -16.76 17.00 22.67
CA HIS A 186 -15.61 16.59 23.48
C HIS A 186 -14.78 17.80 23.98
N VAL A 187 -13.66 17.51 24.66
CA VAL A 187 -12.74 18.49 25.27
C VAL A 187 -12.01 19.35 24.20
N LEU A 188 -11.28 18.75 23.24
CA LEU A 188 -10.53 19.51 22.22
C LEU A 188 -11.45 20.29 21.21
N PRO A 189 -12.51 19.72 20.56
CA PRO A 189 -13.32 20.55 19.65
C PRO A 189 -14.17 21.59 20.39
N GLY A 190 -14.56 21.28 21.62
CA GLY A 190 -15.34 22.15 22.47
C GLY A 190 -14.57 23.36 22.96
N LEU A 191 -13.23 23.23 23.11
CA LEU A 191 -12.31 24.29 23.53
C LEU A 191 -11.85 25.14 22.32
N ILE A 192 -11.85 24.53 21.12
CA ILE A 192 -11.47 25.20 19.87
C ILE A 192 -12.53 26.25 19.52
N HIS A 193 -13.84 25.88 19.67
CA HIS A 193 -14.99 26.75 19.42
C HIS A 193 -15.11 27.81 20.52
N LYS A 194 -14.77 27.43 21.77
CA LYS A 194 -14.80 28.32 22.93
C LYS A 194 -13.85 29.51 22.76
N VAL A 195 -12.60 29.26 22.35
CA VAL A 195 -11.54 30.26 22.12
C VAL A 195 -11.91 31.17 20.94
N HIS A 196 -12.57 30.61 19.91
CA HIS A 196 -13.04 31.30 18.70
C HIS A 196 -14.15 32.30 19.07
N LEU A 197 -15.11 31.89 19.93
CA LEU A 197 -16.21 32.74 20.41
C LEU A 197 -15.66 33.81 21.35
N ALA A 198 -14.66 33.45 22.20
CA ALA A 198 -13.99 34.35 23.13
C ALA A 198 -13.25 35.47 22.40
N LYS A 199 -12.68 35.16 21.21
CA LYS A 199 -11.98 36.12 20.35
C LYS A 199 -12.96 37.08 19.69
N SER A 200 -14.14 36.56 19.26
CA SER A 200 -15.20 37.33 18.62
C SER A 200 -15.96 38.23 19.62
N SER A 201 -16.32 37.68 20.79
CA SER A 201 -17.07 38.36 21.85
C SER A 201 -16.20 39.28 22.72
N GLY A 202 -14.90 39.02 22.76
CA GLY A 202 -13.95 39.77 23.58
C GLY A 202 -13.99 39.30 25.03
N SER A 203 -14.54 38.09 25.25
CA SER A 203 -14.68 37.44 26.55
C SER A 203 -13.48 36.55 26.84
N ALA A 204 -13.36 36.11 28.10
CA ALA A 204 -12.28 35.23 28.54
C ALA A 204 -12.62 33.77 28.22
N LEU A 205 -11.60 32.90 28.18
CA LEU A 205 -11.78 31.47 27.93
C LEU A 205 -12.12 30.78 29.25
N THR A 206 -13.26 30.07 29.29
CA THR A 206 -13.69 29.35 30.48
C THR A 206 -13.52 27.86 30.23
N VAL A 207 -12.49 27.27 30.85
CA VAL A 207 -12.21 25.83 30.78
C VAL A 207 -13.04 25.18 31.88
N TRP A 208 -13.77 24.10 31.56
CA TRP A 208 -14.62 23.40 32.53
C TRP A 208 -13.82 22.40 33.36
N GLY A 209 -14.21 22.27 34.62
CA GLY A 209 -13.53 21.42 35.58
C GLY A 209 -12.37 22.13 36.24
N THR A 210 -11.34 21.37 36.65
CA THR A 210 -10.16 21.90 37.34
C THR A 210 -8.94 22.02 36.42
N GLY A 211 -8.95 21.25 35.33
CA GLY A 211 -7.86 21.20 34.36
C GLY A 211 -6.81 20.16 34.71
N ASN A 212 -7.01 19.46 35.84
CA ASN A 212 -6.11 18.42 36.34
C ASN A 212 -6.32 17.03 35.69
N PRO A 213 -7.53 16.62 35.16
CA PRO A 213 -7.62 15.29 34.55
C PRO A 213 -6.64 15.07 33.40
N ARG A 214 -6.04 13.87 33.35
CA ARG A 214 -5.05 13.50 32.34
C ARG A 214 -5.69 12.71 31.19
N ARG A 215 -5.32 13.05 29.93
CA ARG A 215 -5.85 12.40 28.72
C ARG A 215 -4.77 12.17 27.66
N GLN A 216 -4.93 11.07 26.90
CA GLN A 216 -4.10 10.74 25.74
C GLN A 216 -4.91 11.10 24.52
N PHE A 217 -4.35 11.95 23.63
CA PHE A 217 -5.06 12.38 22.44
C PHE A 217 -4.45 11.77 21.19
N ILE A 218 -5.30 11.44 20.21
CA ILE A 218 -4.85 10.85 18.95
C ILE A 218 -5.44 11.67 17.80
N TYR A 219 -4.59 12.04 16.82
CA TYR A 219 -5.02 12.80 15.65
C TYR A 219 -5.82 11.86 14.76
N SER A 220 -7.02 12.32 14.32
CA SER A 220 -7.96 11.56 13.48
C SER A 220 -7.28 10.95 12.25
N LEU A 221 -6.38 11.71 11.59
CA LEU A 221 -5.63 11.26 10.39
C LEU A 221 -4.66 10.12 10.72
N ASP A 222 -4.04 10.16 11.92
CA ASP A 222 -3.11 9.13 12.40
C ASP A 222 -3.85 7.83 12.67
N LEU A 223 -5.00 7.90 13.38
CA LEU A 223 -5.86 6.75 13.70
C LEU A 223 -6.49 6.17 12.42
N ALA A 224 -6.67 7.01 11.37
CA ALA A 224 -7.20 6.61 10.06
C ALA A 224 -6.22 5.69 9.33
N GLN A 225 -4.91 5.98 9.47
CA GLN A 225 -3.82 5.20 8.88
C GLN A 225 -3.66 3.87 9.61
N LEU A 226 -3.81 3.88 10.96
CA LEU A 226 -3.71 2.69 11.82
C LEU A 226 -4.91 1.76 11.60
N PHE A 227 -6.10 2.34 11.38
CA PHE A 227 -7.36 1.64 11.12
C PHE A 227 -7.30 0.86 9.80
N ILE A 228 -6.69 1.48 8.75
CA ILE A 228 -6.51 0.87 7.44
C ILE A 228 -5.52 -0.28 7.55
N TRP A 229 -4.51 -0.17 8.46
CA TRP A 229 -3.54 -1.23 8.71
C TRP A 229 -4.20 -2.41 9.43
N VAL A 230 -5.01 -2.12 10.48
CA VAL A 230 -5.71 -3.11 11.32
C VAL A 230 -6.61 -4.03 10.47
N LEU A 231 -7.34 -3.45 9.49
CA LEU A 231 -8.22 -4.15 8.57
C LEU A 231 -7.44 -5.02 7.58
N ARG A 232 -6.18 -4.63 7.27
CA ARG A 232 -5.34 -5.32 6.30
C ARG A 232 -4.39 -6.36 6.90
N GLU A 233 -3.86 -6.18 8.12
CA GLU A 233 -2.89 -7.15 8.64
C GLU A 233 -3.17 -7.70 10.07
N TYR A 234 -4.06 -7.07 10.86
CA TYR A 234 -4.33 -7.50 12.23
C TYR A 234 -5.37 -8.63 12.26
N ASN A 235 -4.92 -9.89 12.40
CA ASN A 235 -5.76 -11.09 12.36
C ASN A 235 -6.32 -11.54 13.75
N GLU A 236 -5.90 -10.90 14.85
CA GLU A 236 -6.39 -11.24 16.20
C GLU A 236 -7.87 -10.86 16.39
N VAL A 237 -8.58 -11.58 17.27
CA VAL A 237 -9.97 -11.28 17.60
C VAL A 237 -9.99 -10.32 18.80
N GLU A 238 -9.00 -10.46 19.71
CA GLU A 238 -8.83 -9.57 20.87
C GLU A 238 -8.59 -8.14 20.36
N PRO A 239 -9.14 -7.09 21.01
CA PRO A 239 -8.93 -5.73 20.48
C PRO A 239 -7.48 -5.24 20.58
N ILE A 240 -7.19 -4.08 19.97
CA ILE A 240 -5.88 -3.46 19.98
C ILE A 240 -6.03 -1.98 20.30
N ILE A 241 -5.26 -1.48 21.28
CA ILE A 241 -5.30 -0.08 21.69
C ILE A 241 -4.54 0.75 20.65
N LEU A 242 -5.26 1.65 19.95
CA LEU A 242 -4.66 2.55 18.95
C LEU A 242 -4.51 3.91 19.62
N SER A 243 -3.39 4.09 20.32
CA SER A 243 -3.13 5.32 21.06
C SER A 243 -1.65 5.68 21.06
N VAL A 244 -1.37 6.88 21.58
CA VAL A 244 -0.02 7.40 21.76
C VAL A 244 0.53 6.76 23.06
N GLY A 245 1.84 6.81 23.26
CA GLY A 245 2.49 6.23 24.43
C GLY A 245 2.01 6.77 25.76
N GLU A 246 2.24 6.00 26.84
CA GLU A 246 1.87 6.34 28.22
C GLU A 246 2.51 7.67 28.66
N GLU A 247 3.75 7.92 28.21
CA GLU A 247 4.55 9.12 28.48
C GLU A 247 3.99 10.38 27.79
N ASP A 248 3.23 10.20 26.68
CA ASP A 248 2.65 11.29 25.91
C ASP A 248 1.23 11.67 26.41
N GLU A 249 0.93 11.33 27.67
CA GLU A 249 -0.33 11.71 28.31
C GLU A 249 -0.20 13.15 28.79
N VAL A 250 -1.23 13.97 28.55
CA VAL A 250 -1.25 15.38 28.96
C VAL A 250 -2.49 15.66 29.82
N SER A 251 -2.48 16.81 30.53
CA SER A 251 -3.61 17.25 31.37
C SER A 251 -4.53 18.15 30.54
N ILE A 252 -5.74 18.48 31.06
CA ILE A 252 -6.66 19.38 30.37
C ILE A 252 -6.01 20.78 30.27
N LYS A 253 -5.31 21.24 31.36
CA LYS A 253 -4.60 22.54 31.39
C LYS A 253 -3.64 22.65 30.21
N GLU A 254 -2.82 21.58 29.99
CA GLU A 254 -1.83 21.48 28.92
C GLU A 254 -2.50 21.48 27.54
N ALA A 255 -3.60 20.73 27.38
CA ALA A 255 -4.37 20.65 26.12
C ALA A 255 -4.99 22.02 25.78
N ALA A 256 -5.56 22.72 26.79
CA ALA A 256 -6.14 24.07 26.64
C ALA A 256 -5.07 25.08 26.23
N GLU A 257 -3.83 24.93 26.78
CA GLU A 257 -2.66 25.76 26.48
C GLU A 257 -2.26 25.62 24.99
N ALA A 258 -2.35 24.39 24.45
CA ALA A 258 -2.02 24.08 23.06
C ALA A 258 -3.04 24.72 22.11
N VAL A 259 -4.32 24.76 22.51
CA VAL A 259 -5.41 25.37 21.73
C VAL A 259 -5.27 26.91 21.78
N VAL A 260 -4.93 27.46 22.98
CA VAL A 260 -4.73 28.90 23.19
C VAL A 260 -3.56 29.43 22.35
N GLU A 261 -2.48 28.63 22.22
CA GLU A 261 -1.28 28.99 21.45
C GLU A 261 -1.54 28.88 19.94
N ALA A 262 -2.25 27.82 19.49
CA ALA A 262 -2.57 27.57 18.07
C ALA A 262 -3.53 28.61 17.49
N MET A 263 -4.46 29.11 18.32
CA MET A 263 -5.45 30.11 17.91
C MET A 263 -4.96 31.53 18.24
N ASP A 264 -3.76 31.64 18.85
CA ASP A 264 -3.08 32.88 19.26
C ASP A 264 -4.00 33.77 20.12
N PHE A 265 -4.58 33.15 21.18
CA PHE A 265 -5.48 33.81 22.13
C PHE A 265 -4.66 34.49 23.20
N HIS A 266 -4.82 35.82 23.33
CA HIS A 266 -4.06 36.60 24.31
C HIS A 266 -4.95 37.07 25.46
N GLY A 267 -6.19 36.60 25.48
CA GLY A 267 -7.16 36.91 26.51
C GLY A 267 -6.97 36.08 27.77
N GLU A 268 -7.84 36.29 28.77
CA GLU A 268 -7.80 35.60 30.05
C GLU A 268 -8.30 34.17 29.95
N VAL A 269 -7.75 33.27 30.79
CA VAL A 269 -8.15 31.87 30.85
C VAL A 269 -8.55 31.55 32.30
N THR A 270 -9.86 31.32 32.52
CA THR A 270 -10.43 30.98 33.83
C THR A 270 -10.90 29.51 33.86
N PHE A 271 -11.02 28.93 35.08
CA PHE A 271 -11.43 27.52 35.26
C PHE A 271 -12.70 27.39 36.10
N ASP A 272 -13.75 26.79 35.50
CA ASP A 272 -15.03 26.57 36.18
C ASP A 272 -14.91 25.28 36.98
N THR A 273 -14.35 25.43 38.20
CA THR A 273 -14.07 24.39 39.18
C THR A 273 -15.35 23.59 39.54
N THR A 274 -16.52 24.23 39.43
CA THR A 274 -17.85 23.66 39.73
C THR A 274 -18.24 22.57 38.72
N LYS A 275 -17.72 22.63 37.48
CA LYS A 275 -18.04 21.65 36.43
C LYS A 275 -17.34 20.32 36.70
N SER A 276 -17.97 19.23 36.25
CA SER A 276 -17.49 17.85 36.40
C SER A 276 -16.20 17.64 35.62
N ASP A 277 -15.28 16.90 36.23
CA ASP A 277 -13.98 16.53 35.65
C ASP A 277 -14.06 15.16 34.96
N GLY A 278 -15.13 14.43 35.26
CA GLY A 278 -15.32 13.06 34.78
C GLY A 278 -14.25 12.15 35.36
N GLN A 279 -13.79 11.19 34.55
CA GLN A 279 -12.73 10.27 34.94
C GLN A 279 -11.40 11.03 34.91
N PHE A 280 -10.67 11.05 36.03
CA PHE A 280 -9.39 11.76 36.14
C PHE A 280 -8.29 11.17 35.25
N LYS A 281 -8.24 9.84 35.15
CA LYS A 281 -7.22 9.12 34.38
C LYS A 281 -7.80 7.90 33.70
N LYS A 282 -7.20 7.53 32.56
CA LYS A 282 -7.50 6.34 31.77
C LYS A 282 -6.29 6.07 30.87
N THR A 283 -5.09 6.09 31.48
CA THR A 283 -3.80 5.86 30.81
C THR A 283 -3.77 4.46 30.16
N ALA A 284 -3.69 4.43 28.83
CA ALA A 284 -3.64 3.20 28.04
C ALA A 284 -2.21 2.90 27.60
N SER A 285 -1.88 1.61 27.47
CA SER A 285 -0.58 1.13 27.02
C SER A 285 -0.67 0.64 25.58
N ASN A 286 0.13 1.25 24.69
CA ASN A 286 0.18 0.92 23.26
C ASN A 286 1.31 -0.10 22.97
N SER A 287 1.55 -1.03 23.91
CA SER A 287 2.57 -2.06 23.81
C SER A 287 2.23 -3.07 22.70
N LYS A 288 0.94 -3.45 22.55
CA LYS A 288 0.49 -4.36 21.50
C LYS A 288 0.68 -3.70 20.12
N LEU A 289 0.42 -2.38 20.03
CA LEU A 289 0.59 -1.59 18.80
C LEU A 289 2.06 -1.46 18.44
N ARG A 290 2.93 -1.21 19.46
CA ARG A 290 4.37 -1.05 19.28
C ARG A 290 5.06 -2.38 18.92
N THR A 291 4.48 -3.54 19.27
CA THR A 291 5.05 -4.85 18.91
C THR A 291 4.77 -5.14 17.43
N TYR A 292 3.67 -4.57 16.89
CA TYR A 292 3.26 -4.72 15.49
C TYR A 292 3.86 -3.62 14.61
N LEU A 293 3.70 -2.35 15.02
CA LEU A 293 4.19 -1.18 14.28
C LEU A 293 5.19 -0.37 15.13
N PRO A 294 6.48 -0.80 15.22
CA PRO A 294 7.44 -0.02 16.03
C PRO A 294 7.97 1.21 15.30
N ASP A 295 7.83 1.26 13.95
CA ASP A 295 8.31 2.34 13.10
C ASP A 295 7.23 3.39 12.76
N PHE A 296 6.00 3.25 13.29
CA PHE A 296 4.94 4.23 13.02
C PHE A 296 5.19 5.53 13.78
N ARG A 297 5.17 6.65 13.04
CA ARG A 297 5.38 7.99 13.59
C ARG A 297 4.06 8.75 13.70
N PHE A 298 3.77 9.26 14.91
CA PHE A 298 2.56 10.06 15.17
C PHE A 298 2.83 11.54 14.87
N THR A 299 1.76 12.28 14.51
CA THR A 299 1.86 13.72 14.23
C THR A 299 2.03 14.46 15.57
N PRO A 300 3.06 15.33 15.72
CA PRO A 300 3.23 16.06 17.00
C PRO A 300 1.95 16.78 17.40
N PHE A 301 1.52 16.60 18.67
CA PHE A 301 0.27 17.13 19.24
C PHE A 301 0.01 18.61 18.88
N LYS A 302 1.02 19.50 19.09
CA LYS A 302 0.92 20.93 18.80
C LYS A 302 0.66 21.19 17.31
N GLN A 303 1.29 20.39 16.41
CA GLN A 303 1.13 20.51 14.96
C GLN A 303 -0.28 20.06 14.53
N ALA A 304 -0.78 18.97 15.15
CA ALA A 304 -2.11 18.42 14.88
C ALA A 304 -3.23 19.30 15.45
N VAL A 305 -3.00 19.99 16.59
CA VAL A 305 -3.95 20.93 17.19
C VAL A 305 -4.06 22.16 16.27
N LYS A 306 -2.90 22.71 15.83
CA LYS A 306 -2.83 23.87 14.93
C LYS A 306 -3.57 23.58 13.61
N GLU A 307 -3.38 22.37 13.04
CA GLU A 307 -4.02 21.94 11.80
C GLU A 307 -5.55 21.87 11.96
N THR A 308 -6.02 21.40 13.14
CA THR A 308 -7.44 21.28 13.50
C THR A 308 -8.04 22.69 13.68
N CYS A 309 -7.33 23.57 14.42
CA CYS A 309 -7.72 24.96 14.70
C CYS A 309 -7.85 25.74 13.38
N ALA A 310 -6.86 25.57 12.47
CA ALA A 310 -6.83 26.21 11.15
C ALA A 310 -8.03 25.77 10.32
N TRP A 311 -8.39 24.47 10.38
CA TRP A 311 -9.53 23.91 9.66
C TRP A 311 -10.85 24.48 10.20
N PHE A 312 -10.95 24.68 11.53
CA PHE A 312 -12.16 25.21 12.15
C PHE A 312 -12.40 26.68 11.72
N THR A 313 -11.32 27.49 11.67
CA THR A 313 -11.41 28.90 11.26
C THR A 313 -11.63 28.99 9.73
N ASP A 314 -11.12 28.02 8.96
CA ASP A 314 -11.28 28.00 7.49
C ASP A 314 -12.66 27.48 7.10
N ASN A 315 -13.06 26.30 7.62
CA ASN A 315 -14.35 25.65 7.32
C ASN A 315 -15.34 25.90 8.47
N GLU B 1 40.92 55.98 -49.86
CA GLU B 1 40.40 55.07 -50.89
C GLU B 1 41.07 53.69 -50.79
N ASN B 2 40.27 52.62 -50.94
CA ASN B 2 40.74 51.22 -50.90
C ASN B 2 40.23 50.44 -52.14
N LEU B 3 40.74 49.21 -52.35
CA LEU B 3 40.39 48.35 -53.49
C LEU B 3 39.04 47.62 -53.31
N TYR B 4 38.91 46.40 -53.87
CA TYR B 4 37.74 45.52 -53.80
C TYR B 4 37.68 44.81 -52.42
N PHE B 5 38.55 45.26 -51.50
CA PHE B 5 38.75 44.77 -50.14
C PHE B 5 39.35 45.90 -49.28
N GLN B 6 39.02 45.92 -47.98
CA GLN B 6 39.54 46.94 -47.08
C GLN B 6 40.46 46.33 -46.01
N SER B 7 41.31 47.18 -45.37
CA SER B 7 42.25 46.79 -44.30
C SER B 7 41.50 45.99 -43.24
N MET B 8 41.93 44.76 -43.03
CA MET B 8 41.24 43.86 -42.11
C MET B 8 41.91 43.77 -40.73
N ARG B 9 41.09 43.73 -39.68
CA ARG B 9 41.51 43.54 -38.31
C ARG B 9 40.70 42.36 -37.81
N ILE B 10 41.34 41.19 -37.72
CA ILE B 10 40.69 39.93 -37.37
C ILE B 10 40.96 39.55 -35.91
N LEU B 11 39.91 39.57 -35.08
CA LEU B 11 39.99 39.15 -33.68
C LEU B 11 39.59 37.68 -33.60
N VAL B 12 40.55 36.81 -33.24
CA VAL B 12 40.32 35.38 -33.13
C VAL B 12 40.19 35.04 -31.63
N THR B 13 38.95 34.75 -31.18
CA THR B 13 38.65 34.38 -29.79
C THR B 13 39.01 32.92 -29.61
N GLY B 14 39.57 32.57 -28.45
CA GLY B 14 39.98 31.21 -28.13
C GLY B 14 41.07 30.70 -29.07
N GLY B 15 42.07 31.54 -29.30
CA GLY B 15 43.18 31.26 -30.20
C GLY B 15 44.27 30.38 -29.64
N SER B 16 44.13 29.93 -28.39
CA SER B 16 45.11 29.07 -27.71
C SER B 16 44.71 27.59 -27.73
N GLY B 17 43.59 27.28 -28.39
CA GLY B 17 43.08 25.92 -28.49
C GLY B 17 43.55 25.17 -29.72
N LEU B 18 42.97 23.99 -29.96
CA LEU B 18 43.27 23.11 -31.10
C LEU B 18 43.05 23.84 -32.45
N VAL B 19 41.87 24.47 -32.65
CA VAL B 19 41.57 25.18 -33.90
C VAL B 19 42.32 26.54 -33.94
N GLY B 20 42.45 27.19 -32.79
CA GLY B 20 43.17 28.46 -32.65
C GLY B 20 44.63 28.41 -33.03
N LYS B 21 45.37 27.42 -32.50
CA LYS B 21 46.80 27.25 -32.80
C LYS B 21 47.01 26.79 -34.24
N ALA B 22 46.02 26.07 -34.81
CA ALA B 22 46.04 25.63 -36.21
C ALA B 22 45.95 26.81 -37.15
N ILE B 23 45.02 27.78 -36.87
CA ILE B 23 44.87 29.02 -37.65
C ILE B 23 46.14 29.87 -37.45
N GLN B 24 46.68 29.89 -36.20
CA GLN B 24 47.89 30.60 -35.81
C GLN B 24 49.10 30.09 -36.61
N LYS B 25 49.23 28.75 -36.76
CA LYS B 25 50.32 28.09 -37.49
C LYS B 25 50.22 28.33 -38.99
N VAL B 26 49.01 28.24 -39.58
CA VAL B 26 48.75 28.41 -41.02
C VAL B 26 49.08 29.87 -41.43
N VAL B 27 48.58 30.86 -40.65
CA VAL B 27 48.82 32.30 -40.88
C VAL B 27 50.33 32.61 -40.82
N ALA B 28 51.04 32.06 -39.80
CA ALA B 28 52.48 32.22 -39.61
C ALA B 28 53.30 31.52 -40.70
N ASP B 29 52.79 30.40 -41.26
CA ASP B 29 53.46 29.63 -42.30
C ASP B 29 53.32 30.28 -43.72
N GLY B 30 52.69 31.45 -43.79
CA GLY B 30 52.50 32.19 -45.04
C GLY B 30 51.13 32.06 -45.67
N ALA B 31 50.10 32.61 -45.00
CA ALA B 31 48.72 32.59 -45.46
C ALA B 31 48.03 33.94 -45.24
N GLY B 32 48.57 34.72 -44.31
CA GLY B 32 48.07 36.05 -43.96
C GLY B 32 48.39 37.05 -45.05
N LEU B 33 47.36 37.47 -45.80
CA LEU B 33 47.46 38.44 -46.90
C LEU B 33 47.86 39.83 -46.38
N PRO B 34 48.62 40.66 -47.15
CA PRO B 34 48.98 42.00 -46.63
C PRO B 34 47.75 42.88 -46.37
N GLY B 35 47.78 43.59 -45.24
CA GLY B 35 46.69 44.45 -44.79
C GLY B 35 45.76 43.76 -43.80
N GLU B 36 46.22 42.66 -43.19
CA GLU B 36 45.49 41.87 -42.20
C GLU B 36 46.19 41.86 -40.84
N ASP B 37 45.46 42.27 -39.79
CA ASP B 37 45.96 42.28 -38.41
C ASP B 37 45.28 41.14 -37.64
N TRP B 38 46.05 40.08 -37.37
CA TRP B 38 45.58 38.89 -36.67
C TRP B 38 45.85 39.01 -35.15
N VAL B 39 44.77 39.11 -34.37
CA VAL B 39 44.82 39.21 -32.92
C VAL B 39 44.18 37.94 -32.32
N PHE B 40 45.04 37.05 -31.78
CA PHE B 40 44.64 35.78 -31.15
C PHE B 40 44.59 35.98 -29.64
N VAL B 41 43.41 35.83 -29.05
CA VAL B 41 43.21 36.03 -27.62
C VAL B 41 42.81 34.71 -26.95
N SER B 42 43.01 34.63 -25.63
CA SER B 42 42.64 33.49 -24.79
C SER B 42 41.86 34.01 -23.57
N SER B 43 41.52 33.13 -22.61
CA SER B 43 40.81 33.51 -21.38
C SER B 43 41.62 34.50 -20.50
N LYS B 44 42.97 34.49 -20.62
CA LYS B 44 43.88 35.39 -19.89
C LYS B 44 43.72 36.83 -20.36
N ASP B 45 43.35 37.02 -21.64
CA ASP B 45 43.12 38.33 -22.25
C ASP B 45 41.78 38.91 -21.80
N ALA B 46 40.74 38.04 -21.66
CA ALA B 46 39.37 38.36 -21.22
C ALA B 46 38.54 37.09 -21.01
N ASP B 47 37.86 36.99 -19.85
CA ASP B 47 36.95 35.89 -19.54
C ASP B 47 35.67 36.21 -20.30
N LEU B 48 35.43 35.48 -21.40
CA LEU B 48 34.33 35.77 -22.31
C LEU B 48 32.93 35.47 -21.73
N THR B 49 32.85 34.88 -20.52
CA THR B 49 31.57 34.66 -19.83
C THR B 49 31.15 35.99 -19.16
N ASP B 50 32.14 36.86 -18.87
CA ASP B 50 31.97 38.19 -18.27
C ASP B 50 31.70 39.23 -19.38
N THR B 51 30.54 39.89 -19.29
CA THR B 51 30.08 40.90 -20.25
C THR B 51 31.00 42.13 -20.28
N ALA B 52 31.44 42.61 -19.10
CA ALA B 52 32.30 43.79 -18.98
C ALA B 52 33.70 43.53 -19.57
N GLN B 53 34.29 42.35 -19.31
CA GLN B 53 35.61 41.95 -19.81
C GLN B 53 35.64 41.83 -21.34
N THR B 54 34.57 41.26 -21.93
CA THR B 54 34.40 41.06 -23.38
C THR B 54 34.25 42.42 -24.08
N ARG B 55 33.38 43.31 -23.54
CA ARG B 55 33.13 44.65 -24.06
C ARG B 55 34.44 45.46 -24.12
N ALA B 56 35.27 45.34 -23.05
CA ALA B 56 36.58 45.98 -22.88
C ALA B 56 37.63 45.48 -23.88
N LEU B 57 37.54 44.18 -24.30
CA LEU B 57 38.43 43.57 -25.27
C LEU B 57 38.07 44.02 -26.70
N PHE B 58 36.76 44.04 -27.02
CA PHE B 58 36.23 44.47 -28.32
C PHE B 58 36.37 46.00 -28.52
N GLU B 59 36.44 46.76 -27.42
CA GLU B 59 36.63 48.21 -27.47
C GLU B 59 38.09 48.57 -27.70
N LYS B 60 39.03 47.86 -27.02
CA LYS B 60 40.48 48.06 -27.16
C LYS B 60 40.94 47.54 -28.52
N VAL B 61 40.57 46.28 -28.86
CA VAL B 61 40.86 45.65 -30.15
C VAL B 61 39.61 45.85 -30.98
N GLN B 62 39.54 46.93 -31.78
CA GLN B 62 38.37 47.23 -32.62
C GLN B 62 38.46 46.40 -33.93
N PRO B 63 37.75 45.25 -34.05
CA PRO B 63 37.91 44.43 -35.25
C PRO B 63 36.86 44.67 -36.33
N THR B 64 37.23 44.33 -37.57
CA THR B 64 36.38 44.39 -38.76
C THR B 64 35.82 42.99 -39.00
N HIS B 65 36.65 41.97 -38.69
CA HIS B 65 36.32 40.55 -38.82
C HIS B 65 36.57 39.82 -37.51
N VAL B 66 35.74 38.81 -37.21
CA VAL B 66 35.82 38.03 -35.97
C VAL B 66 35.72 36.53 -36.29
N ILE B 67 36.66 35.74 -35.75
CA ILE B 67 36.67 34.28 -35.80
C ILE B 67 36.40 33.85 -34.34
N HIS B 68 35.16 33.42 -34.05
CA HIS B 68 34.75 33.04 -32.70
C HIS B 68 34.92 31.52 -32.50
N LEU B 69 35.93 31.15 -31.68
CA LEU B 69 36.25 29.75 -31.35
C LEU B 69 36.09 29.47 -29.87
N ALA B 70 36.10 30.51 -29.01
CA ALA B 70 35.99 30.38 -27.56
C ALA B 70 34.70 29.69 -27.14
N ALA B 71 34.84 28.53 -26.47
CA ALA B 71 33.75 27.70 -25.99
C ALA B 71 34.25 26.65 -25.01
N MET B 72 33.32 26.08 -24.23
CA MET B 72 33.56 24.96 -23.35
C MET B 72 33.45 23.71 -24.24
N VAL B 73 34.60 23.08 -24.53
CA VAL B 73 34.69 21.94 -25.42
C VAL B 73 35.23 20.74 -24.65
N GLY B 74 34.61 19.58 -24.87
CA GLY B 74 35.02 18.33 -24.25
C GLY B 74 34.56 17.13 -25.04
N GLY B 75 35.06 15.96 -24.64
CA GLY B 75 34.67 14.70 -25.24
C GLY B 75 33.32 14.24 -24.75
N LEU B 76 32.79 13.17 -25.35
CA LEU B 76 31.50 12.56 -25.01
C LEU B 76 31.25 12.52 -23.48
N PHE B 77 32.15 11.87 -22.74
CA PHE B 77 32.10 11.61 -21.30
C PHE B 77 32.07 12.90 -20.44
N ARG B 78 32.69 14.02 -20.90
CA ARG B 78 32.64 15.29 -20.18
C ARG B 78 31.26 15.93 -20.34
N ASN B 79 30.72 15.85 -21.57
CA ASN B 79 29.43 16.39 -21.97
C ASN B 79 28.27 15.78 -21.17
N ILE B 80 28.26 14.44 -21.05
CA ILE B 80 27.21 13.72 -20.34
C ILE B 80 27.24 14.06 -18.83
N LYS B 81 28.41 14.46 -18.30
CA LYS B 81 28.62 14.82 -16.91
C LYS B 81 28.18 16.26 -16.59
N TYR B 82 28.48 17.24 -17.47
CA TYR B 82 28.21 18.66 -17.21
C TYR B 82 27.41 19.37 -18.33
N ASN B 83 26.21 18.88 -18.67
CA ASN B 83 25.37 19.51 -19.70
C ASN B 83 24.86 20.92 -19.31
N LEU B 84 24.72 21.22 -18.00
CA LEU B 84 24.30 22.55 -17.53
C LEU B 84 25.44 23.55 -17.80
N ASP B 85 26.69 23.16 -17.44
CA ASP B 85 27.90 23.96 -17.65
C ASP B 85 28.16 24.21 -19.13
N PHE B 86 28.04 23.16 -19.98
CA PHE B 86 28.22 23.26 -21.43
C PHE B 86 27.17 24.19 -22.06
N TRP B 87 25.95 24.22 -21.49
CA TRP B 87 24.88 25.09 -21.96
C TRP B 87 25.11 26.55 -21.51
N ARG B 88 25.20 26.78 -20.18
CA ARG B 88 25.33 28.09 -19.57
C ARG B 88 26.62 28.82 -19.97
N LYS B 89 27.81 28.21 -19.77
CA LYS B 89 29.11 28.83 -20.09
C LYS B 89 29.23 29.22 -21.58
N ASN B 90 28.76 28.36 -22.51
CA ASN B 90 28.81 28.64 -23.95
C ASN B 90 27.83 29.75 -24.37
N VAL B 91 26.57 29.74 -23.88
CA VAL B 91 25.55 30.75 -24.19
C VAL B 91 26.05 32.15 -23.78
N HIS B 92 26.69 32.27 -22.60
CA HIS B 92 27.26 33.52 -22.11
C HIS B 92 28.38 34.01 -23.03
N MET B 93 29.34 33.12 -23.37
CA MET B 93 30.47 33.42 -24.26
C MET B 93 29.99 33.83 -25.65
N ASN B 94 29.00 33.10 -26.22
CA ASN B 94 28.46 33.37 -27.55
C ASN B 94 27.73 34.70 -27.61
N ASP B 95 26.84 34.99 -26.63
CA ASP B 95 26.10 36.24 -26.58
C ASP B 95 27.01 37.45 -26.38
N ASN B 96 28.02 37.33 -25.49
CA ASN B 96 28.97 38.42 -25.21
C ASN B 96 29.84 38.73 -26.43
N VAL B 97 30.30 37.71 -27.17
CA VAL B 97 31.14 37.90 -28.36
C VAL B 97 30.30 38.45 -29.53
N LEU B 98 29.13 37.85 -29.82
CA LEU B 98 28.27 38.28 -30.94
C LEU B 98 27.73 39.69 -30.75
N HIS B 99 27.25 40.04 -29.54
CA HIS B 99 26.69 41.36 -29.31
C HIS B 99 27.76 42.43 -29.18
N SER B 100 28.97 42.09 -28.68
CA SER B 100 30.09 43.04 -28.58
C SER B 100 30.62 43.38 -29.97
N ALA B 101 30.61 42.40 -30.89
CA ALA B 101 31.03 42.57 -32.28
C ALA B 101 30.03 43.44 -33.04
N PHE B 102 28.75 43.37 -32.64
CA PHE B 102 27.65 44.13 -33.22
C PHE B 102 27.78 45.62 -32.84
N GLU B 103 27.98 45.94 -31.54
CA GLU B 103 28.08 47.32 -31.06
C GLU B 103 29.41 47.99 -31.49
N VAL B 104 30.46 47.21 -31.76
CA VAL B 104 31.75 47.73 -32.24
C VAL B 104 31.68 47.90 -33.78
N GLY B 105 30.68 47.28 -34.42
CA GLY B 105 30.43 47.37 -35.85
C GLY B 105 31.32 46.50 -36.71
N ALA B 106 31.44 45.20 -36.36
CA ALA B 106 32.24 44.24 -37.11
C ALA B 106 31.52 43.86 -38.40
N ARG B 107 32.24 43.92 -39.53
CA ARG B 107 31.73 43.62 -40.86
C ARG B 107 31.32 42.14 -41.02
N LYS B 108 32.06 41.21 -40.38
CA LYS B 108 31.80 39.77 -40.47
C LYS B 108 32.21 39.04 -39.19
N VAL B 109 31.37 38.08 -38.74
CA VAL B 109 31.62 37.26 -37.57
C VAL B 109 31.37 35.79 -37.95
N VAL B 110 32.42 34.98 -37.91
CA VAL B 110 32.32 33.56 -38.24
C VAL B 110 32.46 32.78 -36.94
N SER B 111 31.35 32.21 -36.47
CA SER B 111 31.33 31.41 -35.24
C SER B 111 31.58 29.95 -35.57
N CYS B 112 31.72 29.13 -34.53
CA CYS B 112 32.04 27.71 -34.70
C CYS B 112 30.96 26.83 -34.09
N LEU B 113 30.42 25.90 -34.91
CA LEU B 113 29.39 24.93 -34.51
C LEU B 113 30.02 23.54 -34.49
N SER B 114 29.22 22.44 -34.58
CA SER B 114 29.72 21.06 -34.57
C SER B 114 28.72 20.11 -35.22
N THR B 115 29.16 18.93 -35.71
CA THR B 115 28.25 17.97 -36.34
C THR B 115 27.47 17.14 -35.28
N CYS B 116 27.90 17.20 -34.00
CA CYS B 116 27.25 16.49 -32.90
C CYS B 116 26.02 17.26 -32.38
N ILE B 117 25.77 18.48 -32.91
CA ILE B 117 24.65 19.34 -32.53
C ILE B 117 23.39 18.98 -33.34
N PHE B 118 23.55 18.20 -34.40
CA PHE B 118 22.47 17.82 -35.32
C PHE B 118 21.42 16.88 -34.67
N PRO B 119 20.19 16.80 -35.23
CA PRO B 119 19.16 15.93 -34.60
C PRO B 119 19.56 14.46 -34.58
N ASP B 120 19.25 13.76 -33.47
CA ASP B 120 19.57 12.34 -33.28
C ASP B 120 18.77 11.47 -34.28
N LYS B 121 17.46 11.73 -34.41
CA LYS B 121 16.59 11.02 -35.35
C LYS B 121 16.52 11.83 -36.64
N THR B 122 17.34 11.44 -37.63
CA THR B 122 17.42 12.16 -38.90
C THR B 122 17.76 11.23 -40.08
N THR B 123 17.70 11.78 -41.29
CA THR B 123 18.09 11.13 -42.54
C THR B 123 19.58 11.40 -42.73
N TYR B 124 20.30 10.48 -43.40
CA TYR B 124 21.73 10.66 -43.64
C TYR B 124 22.02 10.73 -45.16
N PRO B 125 22.96 11.58 -45.64
CA PRO B 125 23.86 12.47 -44.86
C PRO B 125 23.16 13.75 -44.41
N ILE B 126 23.66 14.35 -43.34
CA ILE B 126 23.10 15.59 -42.80
C ILE B 126 23.68 16.80 -43.54
N ASP B 127 22.82 17.78 -43.82
CA ASP B 127 23.22 19.03 -44.47
C ASP B 127 22.87 20.22 -43.56
N GLU B 128 23.33 21.41 -43.96
CA GLU B 128 23.21 22.69 -43.26
C GLU B 128 21.76 23.17 -43.02
N THR B 129 20.76 22.54 -43.66
CA THR B 129 19.34 22.92 -43.53
C THR B 129 18.62 22.07 -42.47
N MET B 130 19.24 20.94 -42.09
CA MET B 130 18.66 19.95 -41.17
C MET B 130 19.01 20.19 -39.69
N ILE B 131 19.78 21.26 -39.41
CA ILE B 131 20.31 21.66 -38.10
C ILE B 131 19.24 21.72 -36.96
N HIS B 132 18.04 22.29 -37.20
CA HIS B 132 17.00 22.42 -36.16
C HIS B 132 15.83 21.44 -36.32
N ASN B 133 15.96 20.43 -37.20
CA ASN B 133 14.88 19.47 -37.47
C ASN B 133 14.82 18.32 -36.46
N GLY B 134 14.63 18.65 -35.17
CA GLY B 134 14.53 17.64 -34.13
C GLY B 134 15.55 17.77 -33.03
N PRO B 135 15.32 17.11 -31.87
CA PRO B 135 16.26 17.24 -30.74
C PRO B 135 17.60 16.56 -30.98
N PRO B 136 18.70 17.09 -30.39
CA PRO B 136 20.00 16.43 -30.56
C PRO B 136 20.10 15.21 -29.64
N HIS B 137 21.29 14.59 -29.57
CA HIS B 137 21.54 13.43 -28.73
C HIS B 137 21.49 13.85 -27.25
N ASN B 138 20.90 13.00 -26.40
CA ASN B 138 20.74 13.23 -24.96
C ASN B 138 22.09 13.43 -24.23
N SER B 139 23.18 12.84 -24.77
CA SER B 139 24.54 12.87 -24.25
C SER B 139 25.15 14.27 -24.18
N ASN B 140 24.86 15.12 -25.18
CA ASN B 140 25.46 16.45 -25.25
C ASN B 140 24.45 17.53 -25.67
N PHE B 141 23.21 17.42 -25.17
CA PHE B 141 22.12 18.34 -25.49
C PHE B 141 22.45 19.79 -25.11
N GLY B 142 23.18 19.99 -23.99
CA GLY B 142 23.58 21.29 -23.49
C GLY B 142 24.46 22.06 -24.47
N TYR B 143 25.60 21.46 -24.84
CA TYR B 143 26.57 22.00 -25.81
C TYR B 143 25.90 22.16 -27.18
N SER B 144 25.14 21.14 -27.62
CA SER B 144 24.44 21.14 -28.92
C SER B 144 23.49 22.34 -29.06
N TYR B 145 22.57 22.55 -28.09
CA TYR B 145 21.62 23.67 -28.11
C TYR B 145 22.35 25.03 -28.02
N ALA B 146 23.44 25.14 -27.24
CA ALA B 146 24.23 26.38 -27.13
C ALA B 146 24.80 26.80 -28.52
N LYS B 147 25.30 25.81 -29.29
CA LYS B 147 25.86 26.02 -30.62
C LYS B 147 24.73 26.23 -31.64
N ARG B 148 23.56 25.57 -31.43
CA ARG B 148 22.37 25.72 -32.27
C ARG B 148 21.86 27.16 -32.20
N MET B 149 21.94 27.77 -31.00
CA MET B 149 21.48 29.13 -30.72
C MET B 149 22.41 30.18 -31.33
N ILE B 150 23.63 29.78 -31.77
CA ILE B 150 24.55 30.69 -32.49
C ILE B 150 23.90 31.00 -33.83
N ASP B 151 23.42 29.95 -34.53
CA ASP B 151 22.73 30.05 -35.82
C ASP B 151 21.46 30.89 -35.69
N VAL B 152 20.69 30.70 -34.58
CA VAL B 152 19.46 31.43 -34.27
C VAL B 152 19.80 32.92 -34.11
N GLN B 153 20.89 33.23 -33.38
CA GLN B 153 21.35 34.61 -33.16
C GLN B 153 21.87 35.21 -34.49
N ASN B 154 22.62 34.41 -35.28
CA ASN B 154 23.15 34.81 -36.60
C ASN B 154 22.02 35.25 -37.54
N ARG B 155 20.88 34.52 -37.59
CA ARG B 155 19.79 34.94 -38.47
C ARG B 155 19.03 36.15 -37.89
N ALA B 156 18.92 36.25 -36.54
CA ALA B 156 18.29 37.39 -35.88
C ALA B 156 19.02 38.71 -36.20
N TYR B 157 20.38 38.71 -36.20
CA TYR B 157 21.19 39.90 -36.51
C TYR B 157 21.09 40.24 -37.99
N PHE B 158 21.07 39.20 -38.84
CA PHE B 158 21.01 39.36 -40.29
C PHE B 158 19.64 39.86 -40.76
N GLN B 159 18.55 39.27 -40.26
CA GLN B 159 17.20 39.64 -40.67
C GLN B 159 16.77 41.03 -40.14
N GLN B 160 17.29 41.46 -38.97
CA GLN B 160 16.92 42.74 -38.33
C GLN B 160 17.90 43.90 -38.65
N TYR B 161 19.20 43.61 -38.86
CA TYR B 161 20.19 44.67 -39.10
C TYR B 161 21.02 44.49 -40.39
N GLY B 162 20.97 43.31 -41.00
CA GLY B 162 21.71 43.02 -42.23
C GLY B 162 23.14 42.57 -42.01
N CYS B 163 23.47 42.16 -40.77
CA CYS B 163 24.79 41.71 -40.34
C CYS B 163 25.15 40.40 -41.02
N THR B 164 26.38 40.31 -41.55
CA THR B 164 26.87 39.10 -42.17
C THR B 164 27.53 38.27 -41.06
N PHE B 165 26.68 37.77 -40.14
CA PHE B 165 27.06 36.91 -39.02
C PHE B 165 26.76 35.49 -39.46
N THR B 166 27.81 34.71 -39.70
CA THR B 166 27.68 33.34 -40.16
C THR B 166 28.38 32.37 -39.19
N ALA B 167 28.46 31.08 -39.58
CA ALA B 167 29.05 30.01 -38.79
C ALA B 167 29.56 28.87 -39.69
N VAL B 168 30.46 28.05 -39.13
CA VAL B 168 31.01 26.88 -39.82
C VAL B 168 30.69 25.65 -38.98
N ILE B 169 30.48 24.50 -39.63
CA ILE B 169 30.15 23.27 -38.90
C ILE B 169 31.26 22.22 -39.15
N PRO B 170 32.34 22.24 -38.35
CA PRO B 170 33.39 21.22 -38.52
C PRO B 170 33.00 19.91 -37.86
N THR B 171 33.57 18.80 -38.35
CA THR B 171 33.35 17.48 -37.74
C THR B 171 34.30 17.33 -36.58
N ASN B 172 34.62 16.09 -36.20
CA ASN B 172 35.57 15.78 -35.15
C ASN B 172 36.92 16.31 -35.57
N VAL B 173 37.52 17.19 -34.77
CA VAL B 173 38.81 17.81 -35.11
C VAL B 173 39.92 17.14 -34.28
N PHE B 174 41.13 17.09 -34.84
CA PHE B 174 42.31 16.53 -34.21
C PHE B 174 43.55 17.21 -34.78
N GLY B 175 44.63 17.21 -34.01
CA GLY B 175 45.91 17.79 -34.40
C GLY B 175 46.72 18.29 -33.22
N PRO B 176 47.75 19.14 -33.47
CA PRO B 176 48.55 19.67 -32.36
C PRO B 176 47.78 20.65 -31.49
N HIS B 177 48.21 20.77 -30.22
CA HIS B 177 47.68 21.68 -29.19
C HIS B 177 46.23 21.29 -28.82
N ASP B 178 45.97 20.00 -28.83
CA ASP B 178 44.67 19.41 -28.49
C ASP B 178 44.61 19.07 -27.01
N ASN B 179 43.40 18.76 -26.53
CA ASN B 179 43.20 18.36 -25.15
C ASN B 179 43.37 16.84 -25.15
N PHE B 180 44.52 16.40 -24.70
CA PHE B 180 44.91 15.01 -24.66
C PHE B 180 44.57 14.35 -23.30
N ASN B 181 43.69 15.00 -22.48
CA ASN B 181 43.22 14.44 -21.21
C ASN B 181 42.23 13.33 -21.53
N ILE B 182 42.64 12.06 -21.30
CA ILE B 182 41.85 10.87 -21.63
C ILE B 182 40.41 10.93 -21.08
N GLU B 183 40.22 11.51 -19.89
CA GLU B 183 38.92 11.65 -19.22
C GLU B 183 38.01 12.71 -19.89
N ASP B 184 38.52 13.94 -20.14
CA ASP B 184 37.79 15.10 -20.68
C ASP B 184 37.84 15.31 -22.18
N GLY B 185 38.78 14.64 -22.85
CA GLY B 185 39.02 14.84 -24.27
C GLY B 185 38.25 13.96 -25.22
N HIS B 186 38.39 14.28 -26.52
CA HIS B 186 37.82 13.60 -27.66
C HIS B 186 38.54 12.25 -27.88
N VAL B 187 37.98 11.40 -28.79
CA VAL B 187 38.44 10.04 -29.07
C VAL B 187 39.89 9.98 -29.59
N LEU B 188 40.27 10.71 -30.66
CA LEU B 188 41.63 10.65 -31.21
C LEU B 188 42.68 11.15 -30.23
N PRO B 189 42.62 12.40 -29.67
CA PRO B 189 43.65 12.80 -28.68
C PRO B 189 43.70 11.85 -27.46
N GLY B 190 42.53 11.38 -27.03
CA GLY B 190 42.38 10.42 -25.94
C GLY B 190 43.06 9.09 -26.23
N LEU B 191 42.92 8.60 -27.49
CA LEU B 191 43.57 7.36 -27.91
C LEU B 191 45.07 7.50 -28.10
N ILE B 192 45.54 8.70 -28.52
CA ILE B 192 46.98 8.95 -28.71
C ILE B 192 47.69 8.89 -27.34
N HIS B 193 47.14 9.59 -26.33
CA HIS B 193 47.69 9.59 -24.97
C HIS B 193 47.59 8.20 -24.34
N LYS B 194 46.54 7.44 -24.69
CA LYS B 194 46.32 6.07 -24.21
C LYS B 194 47.39 5.10 -24.71
N VAL B 195 47.75 5.16 -26.01
CA VAL B 195 48.77 4.30 -26.62
C VAL B 195 50.14 4.65 -26.05
N HIS B 196 50.36 5.96 -25.76
CA HIS B 196 51.60 6.49 -25.19
C HIS B 196 51.79 5.96 -23.76
N LEU B 197 50.72 5.97 -22.92
CA LEU B 197 50.74 5.46 -21.55
C LEU B 197 50.88 3.93 -21.54
N ALA B 198 50.21 3.25 -22.51
CA ALA B 198 50.25 1.79 -22.70
C ALA B 198 51.65 1.31 -23.05
N LYS B 199 52.41 2.13 -23.80
CA LYS B 199 53.80 1.87 -24.20
C LYS B 199 54.73 2.04 -23.00
N SER B 200 54.48 3.07 -22.17
CA SER B 200 55.29 3.39 -20.99
C SER B 200 55.03 2.40 -19.84
N SER B 201 53.75 2.08 -19.56
CA SER B 201 53.32 1.18 -18.49
C SER B 201 53.46 -0.31 -18.83
N GLY B 202 53.47 -0.62 -20.13
CA GLY B 202 53.54 -1.99 -20.62
C GLY B 202 52.18 -2.66 -20.57
N SER B 203 51.12 -1.84 -20.48
CA SER B 203 49.72 -2.25 -20.44
C SER B 203 49.14 -2.30 -21.85
N ALA B 204 47.97 -2.95 -21.99
CA ALA B 204 47.25 -3.05 -23.26
C ALA B 204 46.45 -1.77 -23.53
N LEU B 205 46.09 -1.54 -24.79
CA LEU B 205 45.28 -0.39 -25.18
C LEU B 205 43.81 -0.73 -24.97
N THR B 206 43.10 0.08 -24.17
CA THR B 206 41.69 -0.12 -23.90
C THR B 206 40.91 0.96 -24.65
N VAL B 207 40.26 0.57 -25.75
CA VAL B 207 39.41 1.45 -26.54
C VAL B 207 38.04 1.39 -25.87
N TRP B 208 37.43 2.54 -25.60
CA TRP B 208 36.12 2.56 -24.96
C TRP B 208 35.02 2.30 -25.99
N GLY B 209 33.89 1.79 -25.52
CA GLY B 209 32.76 1.45 -26.36
C GLY B 209 32.98 0.15 -27.12
N THR B 210 32.35 0.02 -28.30
CA THR B 210 32.42 -1.19 -29.14
C THR B 210 33.39 -1.03 -30.31
N GLY B 211 33.65 0.22 -30.69
CA GLY B 211 34.50 0.55 -31.83
C GLY B 211 33.74 0.63 -33.14
N ASN B 212 32.41 0.38 -33.09
CA ASN B 212 31.51 0.38 -34.25
C ASN B 212 31.00 1.80 -34.59
N PRO B 213 30.83 2.76 -33.63
CA PRO B 213 30.42 4.11 -34.04
C PRO B 213 31.30 4.64 -35.16
N ARG B 214 30.66 5.31 -36.11
CA ARG B 214 31.28 5.86 -37.29
C ARG B 214 31.50 7.36 -37.11
N ARG B 215 32.69 7.88 -37.45
CA ARG B 215 33.02 9.31 -37.33
C ARG B 215 33.81 9.86 -38.50
N GLN B 216 33.55 11.13 -38.84
CA GLN B 216 34.31 11.87 -39.85
C GLN B 216 35.27 12.76 -39.08
N PHE B 217 36.57 12.66 -39.39
CA PHE B 217 37.60 13.44 -38.71
C PHE B 217 38.19 14.46 -39.64
N ILE B 218 38.57 15.62 -39.10
CA ILE B 218 39.19 16.69 -39.89
C ILE B 218 40.46 17.12 -39.18
N TYR B 219 41.56 17.23 -39.93
CA TYR B 219 42.85 17.67 -39.42
C TYR B 219 42.79 19.18 -39.13
N SER B 220 43.22 19.59 -37.92
CA SER B 220 43.18 20.98 -37.46
C SER B 220 43.80 21.95 -38.47
N LEU B 221 44.90 21.55 -39.13
CA LEU B 221 45.58 22.35 -40.15
C LEU B 221 44.74 22.49 -41.44
N ASP B 222 43.94 21.45 -41.79
CA ASP B 222 43.04 21.46 -42.96
C ASP B 222 41.86 22.40 -42.70
N LEU B 223 41.23 22.28 -41.52
CA LEU B 223 40.11 23.11 -41.08
C LEU B 223 40.53 24.59 -41.01
N ALA B 224 41.75 24.86 -40.49
CA ALA B 224 42.34 26.19 -40.34
C ALA B 224 42.40 26.93 -41.69
N GLN B 225 42.81 26.23 -42.77
CA GLN B 225 42.89 26.79 -44.13
C GLN B 225 41.50 27.11 -44.65
N LEU B 226 40.51 26.24 -44.36
CA LEU B 226 39.11 26.40 -44.78
C LEU B 226 38.45 27.56 -44.02
N PHE B 227 38.79 27.73 -42.73
CA PHE B 227 38.30 28.79 -41.86
C PHE B 227 38.75 30.17 -42.34
N ILE B 228 40.02 30.26 -42.79
CA ILE B 228 40.61 31.50 -43.33
C ILE B 228 39.92 31.84 -44.66
N TRP B 229 39.51 30.82 -45.43
CA TRP B 229 38.79 31.00 -46.70
C TRP B 229 37.37 31.51 -46.41
N VAL B 230 36.65 30.87 -45.47
CA VAL B 230 35.27 31.23 -45.12
C VAL B 230 35.19 32.73 -44.77
N LEU B 231 36.08 33.20 -43.88
CA LEU B 231 36.16 34.59 -43.41
C LEU B 231 36.43 35.57 -44.56
N ARG B 232 37.13 35.10 -45.61
CA ARG B 232 37.50 35.93 -46.75
C ARG B 232 36.53 35.87 -47.93
N GLU B 233 35.91 34.70 -48.23
CA GLU B 233 35.08 34.59 -49.42
C GLU B 233 33.65 33.99 -49.24
N TYR B 234 33.26 33.56 -48.03
CA TYR B 234 31.92 32.97 -47.80
C TYR B 234 30.96 34.04 -47.22
N ASN B 235 30.09 34.61 -48.09
CA ASN B 235 29.19 35.70 -47.72
C ASN B 235 27.79 35.26 -47.24
N GLU B 236 27.50 33.94 -47.24
CA GLU B 236 26.20 33.41 -46.78
C GLU B 236 26.06 33.53 -45.26
N VAL B 237 24.82 33.65 -44.77
CA VAL B 237 24.53 33.70 -43.33
C VAL B 237 24.31 32.26 -42.82
N GLU B 238 23.71 31.40 -43.67
CA GLU B 238 23.49 29.98 -43.41
C GLU B 238 24.86 29.32 -43.17
N PRO B 239 24.99 28.37 -42.21
CA PRO B 239 26.32 27.77 -41.98
C PRO B 239 26.82 26.89 -43.13
N ILE B 240 28.08 26.45 -43.04
CA ILE B 240 28.72 25.60 -44.04
C ILE B 240 29.44 24.46 -43.30
N ILE B 241 29.19 23.22 -43.72
CA ILE B 241 29.84 22.06 -43.14
C ILE B 241 31.28 21.97 -43.66
N LEU B 242 32.26 22.12 -42.75
CA LEU B 242 33.67 21.99 -43.09
C LEU B 242 34.13 20.61 -42.67
N SER B 243 33.93 19.62 -43.55
CA SER B 243 34.26 18.23 -43.26
C SER B 243 34.78 17.50 -44.47
N VAL B 244 35.23 16.28 -44.24
CA VAL B 244 35.68 15.36 -45.26
C VAL B 244 34.40 14.70 -45.86
N GLY B 245 34.52 14.10 -47.04
CA GLY B 245 33.41 13.45 -47.72
C GLY B 245 32.72 12.36 -46.92
N GLU B 246 31.46 12.05 -47.30
CA GLU B 246 30.62 11.01 -46.69
C GLU B 246 31.31 9.64 -46.74
N GLU B 247 32.02 9.36 -47.85
CA GLU B 247 32.77 8.14 -48.13
C GLU B 247 34.01 7.98 -47.22
N ASP B 248 34.55 9.11 -46.71
CA ASP B 248 35.74 9.11 -45.85
C ASP B 248 35.37 9.01 -44.35
N GLU B 249 34.16 8.50 -44.04
CA GLU B 249 33.70 8.26 -42.69
C GLU B 249 34.33 6.95 -42.22
N VAL B 250 35.04 6.99 -41.10
CA VAL B 250 35.74 5.83 -40.52
C VAL B 250 35.08 5.38 -39.21
N SER B 251 35.22 4.10 -38.84
CA SER B 251 34.71 3.63 -37.56
C SER B 251 35.77 3.91 -36.47
N ILE B 252 35.36 3.84 -35.18
CA ILE B 252 36.27 4.05 -34.04
C ILE B 252 37.41 2.99 -34.08
N LYS B 253 37.10 1.72 -34.51
CA LYS B 253 38.09 0.64 -34.67
C LYS B 253 39.16 1.05 -35.67
N GLU B 254 38.75 1.63 -36.83
CA GLU B 254 39.62 2.10 -37.91
C GLU B 254 40.51 3.25 -37.43
N ALA B 255 39.94 4.23 -36.68
CA ALA B 255 40.69 5.37 -36.14
C ALA B 255 41.74 4.91 -35.12
N ALA B 256 41.39 3.95 -34.24
CA ALA B 256 42.30 3.36 -33.23
C ALA B 256 43.44 2.62 -33.92
N GLU B 257 43.15 1.93 -35.06
CA GLU B 257 44.12 1.21 -35.90
C GLU B 257 45.17 2.17 -36.48
N ALA B 258 44.74 3.37 -36.90
CA ALA B 258 45.59 4.42 -37.46
C ALA B 258 46.55 4.97 -36.40
N VAL B 259 46.06 5.10 -35.15
CA VAL B 259 46.84 5.60 -34.00
C VAL B 259 47.85 4.50 -33.57
N VAL B 260 47.41 3.22 -33.56
CA VAL B 260 48.24 2.06 -33.20
C VAL B 260 49.40 1.89 -34.19
N GLU B 261 49.15 2.14 -35.49
CA GLU B 261 50.16 2.05 -36.56
C GLU B 261 51.15 3.23 -36.53
N ALA B 262 50.65 4.46 -36.30
CA ALA B 262 51.44 5.70 -36.25
C ALA B 262 52.38 5.74 -35.05
N MET B 263 51.96 5.16 -33.92
CA MET B 263 52.74 5.13 -32.70
C MET B 263 53.53 3.82 -32.56
N ASP B 264 53.38 2.92 -33.57
CA ASP B 264 54.01 1.60 -33.69
C ASP B 264 53.81 0.78 -32.41
N PHE B 265 52.54 0.65 -31.99
CA PHE B 265 52.13 -0.10 -30.81
C PHE B 265 51.97 -1.57 -31.17
N HIS B 266 52.74 -2.45 -30.51
CA HIS B 266 52.73 -3.88 -30.78
C HIS B 266 52.08 -4.66 -29.64
N GLY B 267 51.48 -3.93 -28.70
CA GLY B 267 50.76 -4.51 -27.57
C GLY B 267 49.35 -4.91 -27.92
N GLU B 268 48.62 -5.40 -26.91
CA GLU B 268 47.24 -5.86 -27.06
C GLU B 268 46.25 -4.70 -27.15
N VAL B 269 45.16 -4.89 -27.90
CA VAL B 269 44.11 -3.89 -28.07
C VAL B 269 42.78 -4.54 -27.65
N THR B 270 42.23 -4.08 -26.53
CA THR B 270 40.97 -4.58 -25.96
C THR B 270 39.89 -3.49 -26.08
N PHE B 271 38.59 -3.89 -26.05
CA PHE B 271 37.46 -2.98 -26.17
C PHE B 271 36.55 -3.04 -24.94
N ASP B 272 36.39 -1.90 -24.25
CA ASP B 272 35.53 -1.80 -23.07
C ASP B 272 34.10 -1.57 -23.57
N THR B 273 33.44 -2.68 -23.91
CA THR B 273 32.08 -2.79 -24.44
C THR B 273 31.05 -2.10 -23.50
N THR B 274 31.34 -2.06 -22.19
CA THR B 274 30.52 -1.50 -21.13
C THR B 274 30.40 0.03 -21.26
N LYS B 275 31.45 0.67 -21.77
CA LYS B 275 31.53 2.13 -21.96
C LYS B 275 30.58 2.60 -23.07
N SER B 276 30.05 3.81 -22.92
CA SER B 276 29.09 4.42 -23.83
C SER B 276 29.72 4.70 -25.19
N ASP B 277 28.94 4.43 -26.24
CA ASP B 277 29.30 4.68 -27.63
C ASP B 277 28.81 6.07 -28.07
N GLY B 278 27.87 6.64 -27.31
CA GLY B 278 27.25 7.91 -27.63
C GLY B 278 26.43 7.76 -28.90
N GLN B 279 26.42 8.79 -29.75
CA GLN B 279 25.74 8.79 -31.05
C GLN B 279 26.49 7.85 -32.01
N PHE B 280 25.82 6.83 -32.54
CA PHE B 280 26.42 5.84 -33.44
C PHE B 280 26.96 6.49 -34.70
N LYS B 281 26.12 7.29 -35.36
CA LYS B 281 26.39 7.91 -36.66
C LYS B 281 25.96 9.37 -36.67
N LYS B 282 26.67 10.21 -37.43
CA LYS B 282 26.38 11.65 -37.61
C LYS B 282 26.93 12.11 -38.98
N THR B 283 26.89 11.22 -39.99
CA THR B 283 27.42 11.45 -41.35
C THR B 283 26.97 12.78 -41.94
N ALA B 284 27.92 13.70 -42.15
CA ALA B 284 27.68 15.02 -42.74
C ALA B 284 28.06 15.04 -44.21
N SER B 285 27.36 15.88 -45.01
CA SER B 285 27.61 16.03 -46.44
C SER B 285 28.32 17.37 -46.69
N ASN B 286 29.51 17.30 -47.33
CA ASN B 286 30.32 18.48 -47.66
C ASN B 286 30.04 18.96 -49.11
N SER B 287 28.76 18.84 -49.55
CA SER B 287 28.31 19.25 -50.88
C SER B 287 28.40 20.76 -51.06
N LYS B 288 28.03 21.55 -50.03
CA LYS B 288 28.11 23.02 -50.07
C LYS B 288 29.57 23.47 -50.17
N LEU B 289 30.48 22.77 -49.47
CA LEU B 289 31.92 23.03 -49.48
C LEU B 289 32.51 22.68 -50.85
N ARG B 290 32.07 21.54 -51.44
CA ARG B 290 32.58 21.07 -52.72
C ARG B 290 32.06 21.92 -53.89
N THR B 291 30.93 22.64 -53.72
CA THR B 291 30.42 23.55 -54.77
C THR B 291 31.26 24.84 -54.79
N TYR B 292 31.84 25.21 -53.63
CA TYR B 292 32.69 26.40 -53.47
C TYR B 292 34.15 26.07 -53.74
N LEU B 293 34.68 25.02 -53.08
CA LEU B 293 36.08 24.60 -53.21
C LEU B 293 36.17 23.15 -53.76
N PRO B 294 36.03 22.94 -55.09
CA PRO B 294 36.11 21.56 -55.60
C PRO B 294 37.55 21.05 -55.73
N ASP B 295 38.53 21.97 -55.75
CA ASP B 295 39.95 21.68 -55.93
C ASP B 295 40.73 21.61 -54.59
N PHE B 296 40.05 21.77 -53.43
CA PHE B 296 40.74 21.70 -52.13
C PHE B 296 41.11 20.24 -51.81
N ARG B 297 42.38 20.04 -51.47
CA ARG B 297 42.93 18.73 -51.13
C ARG B 297 43.11 18.60 -49.61
N PHE B 298 42.52 17.54 -49.04
CA PHE B 298 42.64 17.24 -47.61
C PHE B 298 43.90 16.42 -47.36
N THR B 299 44.45 16.52 -46.13
CA THR B 299 45.62 15.75 -45.74
C THR B 299 45.18 14.29 -45.50
N PRO B 300 45.83 13.28 -46.13
CA PRO B 300 45.42 11.87 -45.87
C PRO B 300 45.42 11.57 -44.37
N PHE B 301 44.31 10.98 -43.88
CA PHE B 301 44.05 10.69 -42.46
C PHE B 301 45.25 10.07 -41.74
N LYS B 302 45.86 9.01 -42.31
CA LYS B 302 47.02 8.32 -41.74
C LYS B 302 48.23 9.25 -41.60
N GLN B 303 48.44 10.16 -42.59
CA GLN B 303 49.54 11.13 -42.58
C GLN B 303 49.33 12.18 -41.49
N ALA B 304 48.06 12.63 -41.33
CA ALA B 304 47.64 13.61 -40.34
C ALA B 304 47.74 13.04 -38.92
N VAL B 305 47.33 11.77 -38.73
CA VAL B 305 47.38 11.07 -37.45
C VAL B 305 48.86 10.93 -37.02
N LYS B 306 49.74 10.49 -37.96
CA LYS B 306 51.18 10.34 -37.71
C LYS B 306 51.81 11.66 -37.30
N GLU B 307 51.44 12.77 -37.97
CA GLU B 307 51.93 14.13 -37.67
C GLU B 307 51.50 14.58 -36.27
N THR B 308 50.26 14.22 -35.86
CA THR B 308 49.70 14.54 -34.54
C THR B 308 50.40 13.69 -33.46
N CYS B 309 50.57 12.38 -33.71
CA CYS B 309 51.25 11.44 -32.82
C CYS B 309 52.69 11.87 -32.58
N ALA B 310 53.40 12.29 -33.66
CA ALA B 310 54.79 12.77 -33.60
C ALA B 310 54.86 14.04 -32.75
N TRP B 311 53.87 14.96 -32.94
CA TRP B 311 53.77 16.20 -32.17
C TRP B 311 53.56 15.87 -30.71
N PHE B 312 52.68 14.88 -30.41
CA PHE B 312 52.38 14.49 -29.04
C PHE B 312 53.61 13.94 -28.34
N THR B 313 54.40 13.08 -29.02
CA THR B 313 55.61 12.43 -28.51
C THR B 313 56.75 13.46 -28.27
N ASP B 314 56.94 14.43 -29.20
CA ASP B 314 57.98 15.45 -29.12
C ASP B 314 57.64 16.55 -28.10
N ASN B 315 56.35 16.97 -28.03
CA ASN B 315 55.86 18.02 -27.12
C ASN B 315 54.94 17.46 -26.02
N TYR B 316 55.30 16.29 -25.44
CA TYR B 316 54.53 15.60 -24.41
C TYR B 316 54.37 16.42 -23.11
N GLU B 317 55.47 17.01 -22.59
CA GLU B 317 55.48 17.80 -21.36
C GLU B 317 54.63 19.06 -21.48
N GLN B 318 54.57 19.67 -22.68
CA GLN B 318 53.80 20.89 -22.95
C GLN B 318 52.32 20.61 -23.26
N ALA B 319 52.02 19.41 -23.82
CA ALA B 319 50.68 18.97 -24.23
C ALA B 319 49.64 18.99 -23.10
N ARG B 320 48.39 19.37 -23.46
CA ARG B 320 47.22 19.41 -22.58
C ARG B 320 46.69 18.00 -22.36
N MET C 8 -54.17 -3.35 39.92
CA MET C 8 -52.94 -3.84 39.31
C MET C 8 -53.21 -4.75 38.13
N ARG C 9 -52.44 -4.57 37.06
CA ARG C 9 -52.46 -5.38 35.84
C ARG C 9 -51.04 -5.92 35.67
N ILE C 10 -50.83 -7.20 36.03
CA ILE C 10 -49.52 -7.84 35.99
C ILE C 10 -49.36 -8.72 34.74
N LEU C 11 -48.46 -8.31 33.83
CA LEU C 11 -48.13 -9.08 32.63
C LEU C 11 -46.90 -9.93 32.95
N VAL C 12 -47.08 -11.26 32.96
CA VAL C 12 -46.00 -12.20 33.26
C VAL C 12 -45.54 -12.82 31.93
N THR C 13 -44.35 -12.40 31.45
CA THR C 13 -43.75 -12.90 30.20
C THR C 13 -43.11 -14.24 30.50
N GLY C 14 -43.22 -15.18 29.55
CA GLY C 14 -42.69 -16.52 29.68
C GLY C 14 -43.31 -17.30 30.83
N GLY C 15 -44.63 -17.22 30.93
CA GLY C 15 -45.42 -17.84 32.00
C GLY C 15 -45.70 -19.32 31.85
N SER C 16 -45.19 -19.94 30.77
CA SER C 16 -45.38 -21.37 30.49
C SER C 16 -44.14 -22.20 30.89
N GLY C 17 -43.13 -21.54 31.46
CA GLY C 17 -41.89 -22.19 31.91
C GLY C 17 -41.91 -22.66 33.35
N LEU C 18 -40.75 -23.09 33.85
CA LEU C 18 -40.57 -23.57 35.24
C LEU C 18 -40.98 -22.50 36.29
N VAL C 19 -40.46 -21.26 36.16
CA VAL C 19 -40.78 -20.18 37.09
C VAL C 19 -42.21 -19.63 36.84
N GLY C 20 -42.60 -19.58 35.56
CA GLY C 20 -43.92 -19.14 35.13
C GLY C 20 -45.08 -19.95 35.68
N LYS C 21 -45.00 -21.29 35.55
CA LYS C 21 -46.03 -22.21 36.04
C LYS C 21 -46.05 -22.24 37.57
N ALA C 22 -44.90 -21.98 38.21
CA ALA C 22 -44.78 -21.91 39.66
C ALA C 22 -45.53 -20.70 40.20
N ILE C 23 -45.37 -19.51 39.55
CA ILE C 23 -46.10 -18.27 39.91
C ILE C 23 -47.59 -18.49 39.61
N GLN C 24 -47.91 -19.19 38.49
CA GLN C 24 -49.26 -19.54 38.05
C GLN C 24 -49.96 -20.42 39.10
N LYS C 25 -49.24 -21.42 39.65
CA LYS C 25 -49.76 -22.35 40.66
C LYS C 25 -49.97 -21.66 42.02
N VAL C 26 -49.01 -20.81 42.45
CA VAL C 26 -49.05 -20.09 43.73
C VAL C 26 -50.25 -19.09 43.73
N VAL C 27 -50.40 -18.30 42.64
CA VAL C 27 -51.50 -17.33 42.47
C VAL C 27 -52.86 -18.05 42.51
N ALA C 28 -52.98 -19.20 41.81
CA ALA C 28 -54.20 -20.02 41.76
C ALA C 28 -54.50 -20.70 43.11
N ASP C 29 -53.43 -21.03 43.89
CA ASP C 29 -53.57 -21.69 45.20
C ASP C 29 -53.97 -20.70 46.33
N GLY C 30 -54.22 -19.44 45.99
CA GLY C 30 -54.64 -18.40 46.92
C GLY C 30 -53.55 -17.47 47.38
N ALA C 31 -53.05 -16.64 46.46
CA ALA C 31 -51.99 -15.65 46.73
C ALA C 31 -52.29 -14.31 46.02
N GLY C 32 -53.13 -14.36 45.00
CA GLY C 32 -53.54 -13.18 44.23
C GLY C 32 -54.48 -12.30 45.02
N LEU C 33 -53.97 -11.13 45.47
CA LEU C 33 -54.73 -10.14 46.25
C LEU C 33 -55.87 -9.52 45.40
N PRO C 34 -57.02 -9.12 46.01
CA PRO C 34 -58.11 -8.53 45.19
C PRO C 34 -57.68 -7.24 44.49
N GLY C 35 -58.07 -7.13 43.22
CA GLY C 35 -57.74 -6.00 42.36
C GLY C 35 -56.50 -6.22 41.50
N GLU C 36 -56.12 -7.50 41.31
CA GLU C 36 -54.96 -7.92 40.51
C GLU C 36 -55.37 -8.76 39.31
N ASP C 37 -54.94 -8.33 38.11
CA ASP C 37 -55.19 -9.05 36.85
C ASP C 37 -53.89 -9.70 36.39
N TRP C 38 -53.82 -11.03 36.52
CA TRP C 38 -52.64 -11.82 36.15
C TRP C 38 -52.77 -12.35 34.72
N VAL C 39 -51.90 -11.84 33.83
CA VAL C 39 -51.86 -12.23 32.41
C VAL C 39 -50.52 -12.95 32.15
N PHE C 40 -50.58 -14.28 31.99
CA PHE C 40 -49.44 -15.13 31.72
C PHE C 40 -49.35 -15.38 30.21
N VAL C 41 -48.26 -14.93 29.56
CA VAL C 41 -48.13 -15.08 28.11
C VAL C 41 -46.78 -15.70 27.69
N SER C 42 -46.85 -16.68 26.77
CA SER C 42 -45.72 -17.41 26.21
C SER C 42 -45.43 -16.94 24.77
N SER C 43 -44.51 -17.62 24.06
CA SER C 43 -44.08 -17.33 22.68
C SER C 43 -45.24 -17.38 21.66
N LYS C 44 -46.30 -18.19 21.93
CA LYS C 44 -47.47 -18.32 21.08
C LYS C 44 -48.29 -17.03 21.05
N ASP C 45 -48.28 -16.28 22.17
CA ASP C 45 -48.98 -15.00 22.30
C ASP C 45 -48.23 -13.88 21.56
N ALA C 46 -46.87 -13.92 21.60
CA ALA C 46 -45.95 -12.97 20.95
C ALA C 46 -44.50 -13.45 21.04
N ASP C 47 -43.79 -13.47 19.90
CA ASP C 47 -42.36 -13.80 19.84
C ASP C 47 -41.63 -12.56 20.32
N LEU C 48 -41.12 -12.61 21.55
CA LEU C 48 -40.51 -11.45 22.21
C LEU C 48 -39.17 -11.00 21.58
N THR C 49 -38.63 -11.74 20.59
CA THR C 49 -37.43 -11.33 19.86
C THR C 49 -37.84 -10.29 18.79
N ASP C 50 -39.13 -10.35 18.37
CA ASP C 50 -39.75 -9.45 17.39
C ASP C 50 -40.28 -8.20 18.09
N THR C 51 -39.77 -7.03 17.70
CA THR C 51 -40.12 -5.72 18.26
C THR C 51 -41.60 -5.36 18.02
N ALA C 52 -42.12 -5.63 16.81
CA ALA C 52 -43.51 -5.34 16.44
C ALA C 52 -44.51 -6.20 17.23
N GLN C 53 -44.21 -7.51 17.39
CA GLN C 53 -45.05 -8.46 18.13
C GLN C 53 -45.15 -8.11 19.62
N THR C 54 -44.02 -7.69 20.23
CA THR C 54 -43.92 -7.30 21.64
C THR C 54 -44.70 -6.00 21.89
N ARG C 55 -44.52 -4.99 21.02
CA ARG C 55 -45.21 -3.70 21.11
C ARG C 55 -46.73 -3.89 21.07
N ALA C 56 -47.21 -4.80 20.19
CA ALA C 56 -48.62 -5.14 20.03
C ALA C 56 -49.19 -5.83 21.28
N LEU C 57 -48.39 -6.69 21.95
CA LEU C 57 -48.78 -7.40 23.16
C LEU C 57 -48.92 -6.43 24.34
N PHE C 58 -47.95 -5.51 24.50
CA PHE C 58 -47.93 -4.49 25.56
C PHE C 58 -48.99 -3.39 25.31
N GLU C 59 -49.43 -3.21 24.04
CA GLU C 59 -50.46 -2.25 23.69
C GLU C 59 -51.85 -2.83 23.97
N LYS C 60 -52.07 -4.12 23.62
CA LYS C 60 -53.34 -4.84 23.86
C LYS C 60 -53.52 -5.11 25.35
N VAL C 61 -52.49 -5.69 25.99
CA VAL C 61 -52.45 -5.96 27.43
C VAL C 61 -51.68 -4.80 28.04
N GLN C 62 -52.39 -3.73 28.48
CA GLN C 62 -51.76 -2.55 29.07
C GLN C 62 -51.45 -2.83 30.56
N PRO C 63 -50.19 -3.17 30.93
CA PRO C 63 -49.92 -3.51 32.33
C PRO C 63 -49.35 -2.36 33.16
N THR C 64 -49.55 -2.46 34.48
CA THR C 64 -49.04 -1.53 35.49
C THR C 64 -47.79 -2.14 36.07
N HIS C 65 -47.76 -3.47 36.18
CA HIS C 65 -46.64 -4.27 36.70
C HIS C 65 -46.25 -5.34 35.69
N VAL C 66 -44.95 -5.65 35.62
CA VAL C 66 -44.40 -6.65 34.68
C VAL C 66 -43.43 -7.59 35.41
N ILE C 67 -43.62 -8.90 35.23
CA ILE C 67 -42.73 -9.96 35.71
C ILE C 67 -42.12 -10.54 34.42
N HIS C 68 -40.85 -10.18 34.14
CA HIS C 68 -40.17 -10.62 32.92
C HIS C 68 -39.35 -11.88 33.19
N LEU C 69 -39.82 -13.02 32.64
CA LEU C 69 -39.19 -14.33 32.78
C LEU C 69 -38.76 -14.89 31.44
N ALA C 70 -39.33 -14.39 30.34
CA ALA C 70 -39.02 -14.86 28.99
C ALA C 70 -37.54 -14.71 28.70
N ALA C 71 -36.91 -15.82 28.30
CA ALA C 71 -35.49 -15.90 27.98
C ALA C 71 -35.12 -17.26 27.43
N MET C 72 -33.95 -17.34 26.77
CA MET C 72 -33.35 -18.57 26.31
C MET C 72 -32.60 -19.14 27.52
N VAL C 73 -33.14 -20.22 28.09
CA VAL C 73 -32.60 -20.85 29.29
C VAL C 73 -32.19 -22.29 28.97
N GLY C 74 -30.99 -22.65 29.41
CA GLY C 74 -30.43 -23.98 29.22
C GLY C 74 -29.41 -24.34 30.27
N GLY C 75 -29.01 -25.60 30.26
CA GLY C 75 -27.99 -26.11 31.17
C GLY C 75 -26.60 -25.73 30.72
N LEU C 76 -25.60 -26.16 31.47
CA LEU C 76 -24.18 -25.89 31.20
C LEU C 76 -23.79 -26.26 29.75
N PHE C 77 -24.15 -27.47 29.33
CA PHE C 77 -23.83 -28.09 28.05
C PHE C 77 -24.50 -27.38 26.85
N ARG C 78 -25.72 -26.83 27.01
CA ARG C 78 -26.40 -26.07 25.95
C ARG C 78 -25.73 -24.69 25.81
N ASN C 79 -25.30 -24.12 26.93
CA ASN C 79 -24.65 -22.81 27.00
C ASN C 79 -23.27 -22.85 26.36
N ILE C 80 -22.44 -23.85 26.73
CA ILE C 80 -21.10 -24.05 26.20
C ILE C 80 -21.16 -24.21 24.66
N LYS C 81 -22.26 -24.78 24.14
CA LYS C 81 -22.54 -25.03 22.71
C LYS C 81 -22.98 -23.79 21.92
N TYR C 82 -23.96 -22.99 22.45
CA TYR C 82 -24.53 -21.83 21.73
C TYR C 82 -24.49 -20.50 22.52
N ASN C 83 -23.31 -19.91 22.73
CA ASN C 83 -23.15 -18.64 23.47
C ASN C 83 -23.61 -17.42 22.66
N LEU C 84 -23.59 -17.50 21.33
CA LEU C 84 -24.04 -16.40 20.46
C LEU C 84 -25.58 -16.30 20.55
N ASP C 85 -26.27 -17.45 20.47
CA ASP C 85 -27.73 -17.55 20.56
C ASP C 85 -28.24 -17.09 21.93
N PHE C 86 -27.57 -17.52 23.02
CA PHE C 86 -27.92 -17.14 24.40
C PHE C 86 -27.74 -15.63 24.63
N TRP C 87 -26.77 -15.01 23.91
CA TRP C 87 -26.51 -13.57 23.97
C TRP C 87 -27.54 -12.79 23.14
N ARG C 88 -27.61 -13.07 21.83
CA ARG C 88 -28.47 -12.39 20.87
C ARG C 88 -29.96 -12.51 21.17
N LYS C 89 -30.50 -13.74 21.29
CA LYS C 89 -31.93 -13.99 21.56
C LYS C 89 -32.41 -13.33 22.86
N ASN C 90 -31.60 -13.39 23.94
CA ASN C 90 -31.97 -12.79 25.24
C ASN C 90 -31.93 -11.25 25.21
N VAL C 91 -30.89 -10.64 24.59
CA VAL C 91 -30.74 -9.18 24.48
C VAL C 91 -31.94 -8.58 23.74
N HIS C 92 -32.40 -9.24 22.66
CA HIS C 92 -33.57 -8.83 21.88
C HIS C 92 -34.84 -8.88 22.73
N MET C 93 -35.08 -10.01 23.43
CA MET C 93 -36.23 -10.22 24.31
C MET C 93 -36.24 -9.22 25.47
N ASN C 94 -35.08 -8.97 26.11
CA ASN C 94 -34.95 -8.05 27.23
C ASN C 94 -35.21 -6.61 26.81
N ASP C 95 -34.60 -6.15 25.69
CA ASP C 95 -34.79 -4.79 25.20
C ASP C 95 -36.23 -4.53 24.75
N ASN C 96 -36.86 -5.51 24.05
CA ASN C 96 -38.23 -5.37 23.57
C ASN C 96 -39.23 -5.31 24.73
N VAL C 97 -39.03 -6.12 25.80
CA VAL C 97 -39.92 -6.14 26.95
C VAL C 97 -39.73 -4.87 27.81
N LEU C 98 -38.47 -4.51 28.14
CA LEU C 98 -38.17 -3.34 28.98
C LEU C 98 -38.60 -2.03 28.32
N HIS C 99 -38.33 -1.84 27.00
CA HIS C 99 -38.67 -0.60 26.33
C HIS C 99 -40.16 -0.51 26.03
N SER C 100 -40.85 -1.66 25.79
CA SER C 100 -42.30 -1.69 25.55
C SER C 100 -43.06 -1.34 26.81
N ALA C 101 -42.53 -1.78 27.98
CA ALA C 101 -43.11 -1.49 29.30
C ALA C 101 -42.93 -0.03 29.65
N PHE C 102 -41.85 0.60 29.14
CA PHE C 102 -41.53 2.01 29.34
C PHE C 102 -42.51 2.91 28.56
N GLU C 103 -42.72 2.63 27.25
CA GLU C 103 -43.62 3.44 26.42
C GLU C 103 -45.10 3.25 26.77
N VAL C 104 -45.47 2.10 27.38
CA VAL C 104 -46.85 1.83 27.82
C VAL C 104 -47.05 2.48 29.22
N GLY C 105 -45.94 2.79 29.89
CA GLY C 105 -45.94 3.45 31.20
C GLY C 105 -46.19 2.52 32.38
N ALA C 106 -45.46 1.39 32.43
CA ALA C 106 -45.56 0.41 33.52
C ALA C 106 -44.90 0.97 34.77
N ARG C 107 -45.62 0.92 35.91
CA ARG C 107 -45.17 1.41 37.20
C ARG C 107 -43.95 0.64 37.74
N LYS C 108 -43.89 -0.69 37.49
CA LYS C 108 -42.80 -1.55 37.98
C LYS C 108 -42.53 -2.72 37.03
N VAL C 109 -41.24 -3.02 36.79
CA VAL C 109 -40.81 -4.14 35.94
C VAL C 109 -39.75 -4.94 36.71
N VAL C 110 -40.07 -6.19 37.04
CA VAL C 110 -39.14 -7.06 37.75
C VAL C 110 -38.64 -8.11 36.77
N SER C 111 -37.37 -7.99 36.37
CA SER C 111 -36.75 -8.91 35.43
C SER C 111 -36.07 -10.05 36.20
N CYS C 112 -35.57 -11.04 35.48
CA CYS C 112 -34.97 -12.22 36.07
C CYS C 112 -33.53 -12.39 35.64
N LEU C 113 -32.61 -12.47 36.63
CA LEU C 113 -31.17 -12.67 36.42
C LEU C 113 -30.81 -14.08 36.89
N SER C 114 -29.52 -14.36 37.20
CA SER C 114 -29.05 -15.70 37.66
C SER C 114 -27.74 -15.57 38.44
N THR C 115 -27.42 -16.56 39.30
CA THR C 115 -26.18 -16.53 40.07
C THR C 115 -24.96 -16.97 39.24
N CYS C 116 -25.20 -17.57 38.05
CA CYS C 116 -24.15 -18.03 37.14
C CYS C 116 -23.61 -16.86 36.29
N ILE C 117 -24.22 -15.66 36.41
CA ILE C 117 -23.83 -14.45 35.66
C ILE C 117 -22.70 -13.71 36.39
N PHE C 118 -22.44 -14.07 37.66
CA PHE C 118 -21.44 -13.41 38.51
C PHE C 118 -19.99 -13.67 38.05
N PRO C 119 -19.02 -12.81 38.45
CA PRO C 119 -17.62 -13.00 38.01
C PRO C 119 -17.04 -14.33 38.45
N ASP C 120 -16.26 -14.99 37.57
CA ASP C 120 -15.63 -16.28 37.86
C ASP C 120 -14.56 -16.13 38.97
N LYS C 121 -13.70 -15.12 38.87
CA LYS C 121 -12.67 -14.81 39.86
C LYS C 121 -13.25 -13.78 40.83
N THR C 122 -13.76 -14.24 41.99
CA THR C 122 -14.39 -13.38 42.99
C THR C 122 -14.21 -13.91 44.43
N THR C 123 -14.64 -13.09 45.40
CA THR C 123 -14.65 -13.43 46.82
C THR C 123 -15.99 -14.10 47.10
N TYR C 124 -16.04 -15.00 48.09
CA TYR C 124 -17.28 -15.69 48.44
C TYR C 124 -17.70 -15.37 49.88
N PRO C 125 -19.01 -15.20 50.19
CA PRO C 125 -20.18 -15.33 49.29
C PRO C 125 -20.37 -14.09 48.41
N ILE C 126 -21.04 -14.28 47.27
CA ILE C 126 -21.30 -13.19 46.36
C ILE C 126 -22.56 -12.43 46.78
N ASP C 127 -22.53 -11.09 46.60
CA ASP C 127 -23.65 -10.22 46.90
C ASP C 127 -24.04 -9.41 45.65
N GLU C 128 -25.17 -8.70 45.72
CA GLU C 128 -25.81 -7.90 44.67
C GLU C 128 -24.94 -6.73 44.13
N THR C 129 -23.83 -6.39 44.80
CA THR C 129 -22.93 -5.30 44.40
C THR C 129 -21.75 -5.82 43.55
N MET C 130 -21.49 -7.13 43.59
CA MET C 130 -20.36 -7.78 42.92
C MET C 130 -20.69 -8.29 41.50
N ILE C 131 -21.86 -7.95 40.92
CA ILE C 131 -22.31 -8.42 39.59
C ILE C 131 -21.31 -8.10 38.47
N HIS C 132 -20.87 -6.85 38.38
CA HIS C 132 -20.02 -6.39 37.27
C HIS C 132 -18.52 -6.37 37.61
N ASN C 133 -18.10 -6.95 38.74
CA ASN C 133 -16.69 -6.93 39.18
C ASN C 133 -15.85 -8.06 38.55
N GLY C 134 -15.75 -8.07 37.23
CA GLY C 134 -14.98 -9.08 36.52
C GLY C 134 -15.76 -9.93 35.55
N PRO C 135 -15.06 -10.64 34.62
CA PRO C 135 -15.78 -11.44 33.62
C PRO C 135 -16.44 -12.69 34.20
N PRO C 136 -17.58 -13.14 33.62
CA PRO C 136 -18.21 -14.37 34.11
C PRO C 136 -17.46 -15.61 33.62
N HIS C 137 -18.01 -16.81 33.87
CA HIS C 137 -17.40 -18.06 33.42
C HIS C 137 -17.49 -18.15 31.90
N ASN C 138 -16.44 -18.72 31.27
CA ASN C 138 -16.34 -18.85 29.80
C ASN C 138 -17.44 -19.74 29.18
N SER C 139 -18.03 -20.65 29.97
CA SER C 139 -19.06 -21.61 29.54
C SER C 139 -20.40 -20.95 29.18
N ASN C 140 -20.80 -19.91 29.92
CA ASN C 140 -22.08 -19.26 29.70
C ASN C 140 -21.95 -17.73 29.62
N PHE C 141 -20.83 -17.21 29.09
CA PHE C 141 -20.56 -15.77 28.99
C PHE C 141 -21.68 -15.03 28.23
N GLY C 142 -22.25 -15.66 27.20
CA GLY C 142 -23.33 -15.10 26.39
C GLY C 142 -24.58 -14.78 27.19
N TYR C 143 -25.14 -15.80 27.84
CA TYR C 143 -26.33 -15.71 28.70
C TYR C 143 -26.04 -14.77 29.89
N SER C 144 -24.86 -14.93 30.53
CA SER C 144 -24.39 -14.13 31.67
C SER C 144 -24.39 -12.63 31.37
N TYR C 145 -23.76 -12.19 30.25
CA TYR C 145 -23.70 -10.78 29.87
C TYR C 145 -25.07 -10.23 29.47
N ALA C 146 -25.94 -11.06 28.81
CA ALA C 146 -27.30 -10.66 28.43
C ALA C 146 -28.13 -10.29 29.67
N LYS C 147 -28.01 -11.09 30.75
CA LYS C 147 -28.69 -10.88 32.03
C LYS C 147 -28.03 -9.72 32.80
N ARG C 148 -26.69 -9.56 32.69
CA ARG C 148 -25.95 -8.45 33.32
C ARG C 148 -26.41 -7.11 32.75
N MET C 149 -26.73 -7.08 31.44
CA MET C 149 -27.17 -5.89 30.72
C MET C 149 -28.61 -5.50 31.08
N ILE C 150 -29.37 -6.40 31.75
CA ILE C 150 -30.72 -6.10 32.26
C ILE C 150 -30.53 -5.06 33.37
N ASP C 151 -29.58 -5.32 34.30
CA ASP C 151 -29.23 -4.45 35.42
C ASP C 151 -28.74 -3.09 34.90
N VAL C 152 -27.92 -3.09 33.82
CA VAL C 152 -27.38 -1.89 33.17
C VAL C 152 -28.54 -1.06 32.62
N GLN C 153 -29.51 -1.71 31.95
CA GLN C 153 -30.70 -1.06 31.40
C GLN C 153 -31.61 -0.55 32.53
N ASN C 154 -31.79 -1.36 33.60
CA ASN C 154 -32.58 -1.00 34.79
C ASN C 154 -32.07 0.29 35.43
N ARG C 155 -30.72 0.42 35.56
CA ARG C 155 -30.05 1.59 36.11
C ARG C 155 -30.25 2.82 35.20
N ALA C 156 -30.15 2.62 33.87
CA ALA C 156 -30.30 3.66 32.84
C ALA C 156 -31.72 4.26 32.82
N TYR C 157 -32.79 3.43 32.95
CA TYR C 157 -34.18 3.89 32.98
C TYR C 157 -34.46 4.64 34.26
N PHE C 158 -33.91 4.15 35.39
CA PHE C 158 -34.10 4.74 36.70
C PHE C 158 -33.40 6.10 36.85
N GLN C 159 -32.12 6.20 36.43
CA GLN C 159 -31.34 7.43 36.57
C GLN C 159 -31.81 8.54 35.60
N GLN C 160 -32.36 8.17 34.43
CA GLN C 160 -32.80 9.14 33.40
C GLN C 160 -34.30 9.47 33.45
N TYR C 161 -35.17 8.52 33.88
CA TYR C 161 -36.61 8.76 33.89
C TYR C 161 -37.29 8.50 35.26
N GLY C 162 -36.59 7.86 36.19
CA GLY C 162 -37.11 7.56 37.52
C GLY C 162 -37.94 6.29 37.61
N CYS C 163 -37.80 5.42 36.59
CA CYS C 163 -38.51 4.14 36.48
C CYS C 163 -38.06 3.17 37.54
N THR C 164 -39.00 2.51 38.21
CA THR C 164 -38.70 1.51 39.22
C THR C 164 -38.59 0.17 38.48
N PHE C 165 -37.53 0.06 37.66
CA PHE C 165 -37.17 -1.14 36.90
C PHE C 165 -36.11 -1.86 37.70
N THR C 166 -36.47 -3.02 38.27
CA THR C 166 -35.56 -3.80 39.11
C THR C 166 -35.41 -5.22 38.55
N ALA C 167 -34.72 -6.09 39.31
CA ALA C 167 -34.44 -7.47 38.95
C ALA C 167 -34.24 -8.35 40.18
N VAL C 168 -34.37 -9.67 40.01
CA VAL C 168 -34.15 -10.65 41.07
C VAL C 168 -33.07 -11.60 40.60
N ILE C 169 -32.26 -12.12 41.53
CA ILE C 169 -31.17 -13.04 41.17
C ILE C 169 -31.42 -14.41 41.83
N PRO C 170 -32.19 -15.31 41.18
CA PRO C 170 -32.41 -16.64 41.76
C PRO C 170 -31.22 -17.56 41.50
N THR C 171 -31.02 -18.55 42.38
CA THR C 171 -29.98 -19.57 42.19
C THR C 171 -30.54 -20.64 41.24
N ASN C 172 -29.94 -21.83 41.22
CA ASN C 172 -30.41 -22.93 40.39
C ASN C 172 -31.85 -23.24 40.80
N VAL C 173 -32.78 -23.25 39.83
CA VAL C 173 -34.21 -23.49 40.12
C VAL C 173 -34.58 -24.91 39.66
N PHE C 174 -35.55 -25.52 40.34
CA PHE C 174 -36.08 -26.85 40.05
C PHE C 174 -37.54 -26.93 40.52
N GLY C 175 -38.30 -27.82 39.91
CA GLY C 175 -39.69 -28.05 40.28
C GLY C 175 -40.52 -28.54 39.12
N PRO C 176 -41.89 -28.50 39.24
CA PRO C 176 -42.74 -28.97 38.13
C PRO C 176 -42.69 -28.01 36.93
N HIS C 177 -42.96 -28.56 35.73
CA HIS C 177 -42.98 -27.88 34.41
C HIS C 177 -41.57 -27.41 34.00
N ASP C 178 -40.56 -28.21 34.35
CA ASP C 178 -39.16 -27.95 34.04
C ASP C 178 -38.76 -28.65 32.74
N ASN C 179 -37.60 -28.29 32.21
CA ASN C 179 -37.07 -28.88 31.00
C ASN C 179 -36.26 -30.09 31.44
N PHE C 180 -36.84 -31.28 31.27
CA PHE C 180 -36.25 -32.54 31.69
C PHE C 180 -35.46 -33.21 30.52
N ASN C 181 -35.06 -32.43 29.49
CA ASN C 181 -34.22 -32.91 28.39
C ASN C 181 -32.79 -32.98 28.92
N ILE C 182 -32.28 -34.22 29.15
CA ILE C 182 -30.95 -34.50 29.70
C ILE C 182 -29.83 -33.74 28.98
N GLU C 183 -29.93 -33.58 27.64
CA GLU C 183 -28.94 -32.89 26.82
C GLU C 183 -28.94 -31.37 27.03
N ASP C 184 -30.13 -30.71 26.97
CA ASP C 184 -30.27 -29.25 27.05
C ASP C 184 -30.70 -28.69 28.43
N GLY C 185 -31.01 -29.56 29.39
CA GLY C 185 -31.50 -29.14 30.70
C GLY C 185 -30.48 -28.96 31.79
N HIS C 186 -30.96 -28.51 32.96
CA HIS C 186 -30.18 -28.31 34.18
C HIS C 186 -29.90 -29.66 34.88
N VAL C 187 -29.02 -29.63 35.88
CA VAL C 187 -28.56 -30.81 36.63
C VAL C 187 -29.73 -31.55 37.31
N LEU C 188 -30.60 -30.85 38.08
CA LEU C 188 -31.70 -31.48 38.82
C LEU C 188 -32.75 -32.09 37.88
N PRO C 189 -33.38 -31.39 36.89
CA PRO C 189 -34.33 -32.08 35.99
C PRO C 189 -33.68 -33.23 35.19
N GLY C 190 -32.43 -33.00 34.75
CA GLY C 190 -31.62 -33.96 34.00
C GLY C 190 -31.38 -35.25 34.76
N LEU C 191 -30.98 -35.14 36.06
CA LEU C 191 -30.76 -36.30 36.92
C LEU C 191 -32.07 -37.08 37.18
N ILE C 192 -33.22 -36.38 37.34
CA ILE C 192 -34.52 -37.03 37.58
C ILE C 192 -34.88 -37.94 36.39
N HIS C 193 -34.83 -37.38 35.16
CA HIS C 193 -35.11 -38.12 33.92
C HIS C 193 -34.13 -39.29 33.74
N LYS C 194 -32.86 -39.11 34.16
CA LYS C 194 -31.79 -40.12 34.05
C LYS C 194 -32.07 -41.37 34.89
N VAL C 195 -32.49 -41.21 36.17
CA VAL C 195 -32.79 -42.36 37.04
C VAL C 195 -34.10 -43.01 36.61
N HIS C 196 -35.05 -42.23 36.04
CA HIS C 196 -36.32 -42.72 35.50
C HIS C 196 -36.03 -43.66 34.32
N LEU C 197 -35.12 -43.26 33.40
CA LEU C 197 -34.69 -44.05 32.24
C LEU C 197 -33.88 -45.26 32.70
N ALA C 198 -33.02 -45.06 33.72
CA ALA C 198 -32.17 -46.09 34.32
C ALA C 198 -33.02 -47.20 34.96
N LYS C 199 -34.17 -46.83 35.54
CA LYS C 199 -35.13 -47.76 36.15
C LYS C 199 -35.85 -48.57 35.08
N SER C 200 -36.21 -47.91 33.95
CA SER C 200 -36.93 -48.52 32.83
C SER C 200 -36.01 -49.42 32.00
N SER C 201 -34.78 -48.96 31.68
CA SER C 201 -33.79 -49.67 30.89
C SER C 201 -33.01 -50.74 31.66
N GLY C 202 -32.96 -50.59 32.99
CA GLY C 202 -32.20 -51.49 33.84
C GLY C 202 -30.72 -51.16 33.84
N SER C 203 -30.40 -49.93 33.42
CA SER C 203 -29.04 -49.39 33.35
C SER C 203 -28.69 -48.64 34.63
N ALA C 204 -27.39 -48.33 34.81
CA ALA C 204 -26.89 -47.58 35.96
C ALA C 204 -27.08 -46.09 35.75
N LEU C 205 -27.05 -45.30 36.84
CA LEU C 205 -27.17 -43.84 36.78
C LEU C 205 -25.78 -43.26 36.52
N THR C 206 -25.66 -42.45 35.45
CA THR C 206 -24.41 -41.80 35.10
C THR C 206 -24.52 -40.32 35.40
N VAL C 207 -23.89 -39.88 36.49
CA VAL C 207 -23.84 -38.47 36.88
C VAL C 207 -22.66 -37.87 36.12
N TRP C 208 -22.87 -36.73 35.45
CA TRP C 208 -21.79 -36.09 34.69
C TRP C 208 -20.86 -35.33 35.64
N GLY C 209 -19.63 -35.12 35.19
CA GLY C 209 -18.60 -34.43 35.96
C GLY C 209 -18.05 -35.29 37.09
N THR C 210 -17.60 -34.64 38.18
CA THR C 210 -17.00 -35.33 39.32
C THR C 210 -17.96 -35.45 40.50
N GLY C 211 -18.97 -34.59 40.53
CA GLY C 211 -19.95 -34.54 41.61
C GLY C 211 -19.53 -33.61 42.73
N ASN C 212 -18.34 -32.99 42.60
CA ASN C 212 -17.76 -32.07 43.59
C ASN C 212 -18.28 -30.63 43.43
N PRO C 213 -18.68 -30.10 42.22
CA PRO C 213 -19.18 -28.72 42.17
C PRO C 213 -20.26 -28.44 43.21
N ARG C 214 -20.19 -27.26 43.83
CA ARG C 214 -21.12 -26.84 44.88
C ARG C 214 -22.18 -25.93 44.29
N ARG C 215 -23.46 -26.20 44.61
CA ARG C 215 -24.63 -25.43 44.12
C ARG C 215 -25.66 -25.16 45.19
N GLN C 216 -26.37 -24.03 45.06
CA GLN C 216 -27.51 -23.67 45.90
C GLN C 216 -28.74 -23.85 45.02
N PHE C 217 -29.72 -24.63 45.49
CA PHE C 217 -30.93 -24.89 44.73
C PHE C 217 -32.12 -24.22 45.38
N ILE C 218 -33.05 -23.76 44.55
CA ILE C 218 -34.27 -23.10 45.03
C ILE C 218 -35.45 -23.78 44.36
N TYR C 219 -36.45 -24.16 45.17
CA TYR C 219 -37.66 -24.78 44.68
C TYR C 219 -38.47 -23.70 43.96
N SER C 220 -39.01 -24.03 42.76
CA SER C 220 -39.79 -23.13 41.90
C SER C 220 -40.97 -22.50 42.66
N LEU C 221 -41.65 -23.28 43.53
CA LEU C 221 -42.78 -22.81 44.33
C LEU C 221 -42.33 -21.80 45.41
N ASP C 222 -41.10 -21.96 45.96
CA ASP C 222 -40.52 -21.05 46.97
C ASP C 222 -40.16 -19.72 46.32
N LEU C 223 -39.46 -19.77 45.17
CA LEU C 223 -39.06 -18.61 44.37
C LEU C 223 -40.28 -17.80 43.93
N ALA C 224 -41.35 -18.51 43.48
CA ALA C 224 -42.62 -17.95 43.01
C ALA C 224 -43.25 -17.04 44.06
N GLN C 225 -43.26 -17.46 45.34
CA GLN C 225 -43.80 -16.71 46.48
C GLN C 225 -42.96 -15.45 46.74
N LEU C 226 -41.61 -15.58 46.62
CA LEU C 226 -40.66 -14.47 46.81
C LEU C 226 -40.78 -13.44 45.68
N PHE C 227 -41.02 -13.92 44.45
CA PHE C 227 -41.20 -13.10 43.24
C PHE C 227 -42.45 -12.23 43.34
N ILE C 228 -43.55 -12.80 43.89
CA ILE C 228 -44.82 -12.10 44.09
C ILE C 228 -44.62 -11.03 45.17
N TRP C 229 -43.75 -11.30 46.17
CA TRP C 229 -43.43 -10.34 47.23
C TRP C 229 -42.61 -9.18 46.67
N VAL C 230 -41.56 -9.47 45.88
CA VAL C 230 -40.67 -8.47 45.29
C VAL C 230 -41.49 -7.43 44.51
N LEU C 231 -42.40 -7.91 43.62
CA LEU C 231 -43.27 -7.07 42.78
C LEU C 231 -44.21 -6.19 43.62
N ARG C 232 -44.56 -6.65 44.83
CA ARG C 232 -45.47 -5.94 45.72
C ARG C 232 -44.80 -5.03 46.75
N GLU C 233 -43.61 -5.40 47.30
CA GLU C 233 -43.01 -4.61 48.37
C GLU C 233 -41.51 -4.22 48.21
N TYR C 234 -40.81 -4.67 47.14
CA TYR C 234 -39.38 -4.34 46.95
C TYR C 234 -39.23 -3.14 45.98
N ASN C 235 -39.01 -1.93 46.54
CA ASN C 235 -38.92 -0.67 45.79
C ASN C 235 -37.51 -0.31 45.28
N GLU C 236 -36.46 -1.08 45.64
CA GLU C 236 -35.09 -0.82 45.19
C GLU C 236 -34.91 -1.10 43.71
N VAL C 237 -33.95 -0.41 43.05
CA VAL C 237 -33.64 -0.65 41.65
C VAL C 237 -32.52 -1.70 41.57
N GLU C 238 -31.61 -1.71 42.56
CA GLU C 238 -30.54 -2.70 42.69
C GLU C 238 -31.17 -4.09 42.81
N PRO C 239 -30.61 -5.16 42.21
CA PRO C 239 -31.24 -6.48 42.31
C PRO C 239 -31.20 -7.07 43.71
N ILE C 240 -31.91 -8.19 43.91
CA ILE C 240 -31.99 -8.92 45.18
C ILE C 240 -31.78 -10.40 44.90
N ILE C 241 -30.86 -11.04 45.65
CA ILE C 241 -30.58 -12.47 45.51
C ILE C 241 -31.72 -13.25 46.20
N LEU C 242 -32.48 -14.02 45.39
CA LEU C 242 -33.55 -14.87 45.90
C LEU C 242 -33.01 -16.30 45.96
N SER C 243 -32.33 -16.63 47.06
CA SER C 243 -31.71 -17.94 47.24
C SER C 243 -31.77 -18.43 48.67
N VAL C 244 -31.36 -19.68 48.86
CA VAL C 244 -31.24 -20.31 50.16
C VAL C 244 -29.90 -19.83 50.77
N GLY C 245 -29.74 -19.98 52.09
CA GLY C 245 -28.53 -19.56 52.80
C GLY C 245 -27.25 -20.18 52.29
N GLU C 246 -26.13 -19.51 52.59
CA GLU C 246 -24.77 -19.93 52.21
C GLU C 246 -24.46 -21.34 52.75
N GLU C 247 -24.94 -21.63 53.98
CA GLU C 247 -24.79 -22.90 54.70
C GLU C 247 -25.58 -24.06 54.03
N ASP C 248 -26.65 -23.73 53.28
CA ASP C 248 -27.49 -24.71 52.60
C ASP C 248 -26.99 -25.03 51.17
N GLU C 249 -25.70 -24.77 50.91
CA GLU C 249 -25.07 -25.11 49.63
C GLU C 249 -24.69 -26.59 49.68
N VAL C 250 -25.09 -27.35 48.65
CA VAL C 250 -24.82 -28.78 48.57
C VAL C 250 -24.02 -29.13 47.29
N SER C 251 -23.37 -30.31 47.27
CA SER C 251 -22.62 -30.75 46.09
C SER C 251 -23.54 -31.52 45.11
N ILE C 252 -23.04 -31.75 43.89
CA ILE C 252 -23.74 -32.50 42.83
C ILE C 252 -23.93 -33.95 43.33
N LYS C 253 -22.97 -34.49 44.11
CA LYS C 253 -23.09 -35.83 44.70
C LYS C 253 -24.29 -35.88 45.63
N GLU C 254 -24.43 -34.85 46.50
CA GLU C 254 -25.52 -34.71 47.48
C GLU C 254 -26.87 -34.55 46.79
N ALA C 255 -26.95 -33.71 45.73
CA ALA C 255 -28.17 -33.48 44.95
C ALA C 255 -28.62 -34.77 44.24
N ALA C 256 -27.66 -35.53 43.64
CA ALA C 256 -27.92 -36.80 42.97
C ALA C 256 -28.43 -37.85 43.96
N GLU C 257 -27.90 -37.83 45.21
CA GLU C 257 -28.29 -38.71 46.32
C GLU C 257 -29.76 -38.46 46.71
N ALA C 258 -30.20 -37.19 46.70
CA ALA C 258 -31.56 -36.78 47.02
C ALA C 258 -32.55 -37.27 45.96
N VAL C 259 -32.13 -37.25 44.69
CA VAL C 259 -32.93 -37.71 43.55
C VAL C 259 -33.00 -39.26 43.58
N VAL C 260 -31.87 -39.93 43.88
CA VAL C 260 -31.78 -41.40 43.98
C VAL C 260 -32.69 -41.93 45.11
N GLU C 261 -32.77 -41.20 46.24
CA GLU C 261 -33.60 -41.57 47.39
C GLU C 261 -35.10 -41.31 47.13
N ALA C 262 -35.44 -40.17 46.49
CA ALA C 262 -36.82 -39.77 46.17
C ALA C 262 -37.47 -40.67 45.12
N MET C 263 -36.66 -41.18 44.17
CA MET C 263 -37.15 -42.06 43.10
C MET C 263 -36.94 -43.54 43.48
N ASP C 264 -36.37 -43.80 44.67
CA ASP C 264 -36.07 -45.11 45.25
C ASP C 264 -35.27 -45.99 44.26
N PHE C 265 -34.16 -45.42 43.75
CA PHE C 265 -33.26 -46.10 42.81
C PHE C 265 -32.26 -46.95 43.59
N HIS C 266 -32.26 -48.27 43.32
CA HIS C 266 -31.38 -49.19 44.03
C HIS C 266 -30.28 -49.73 43.11
N GLY C 267 -30.19 -49.15 41.91
CA GLY C 267 -29.17 -49.48 40.93
C GLY C 267 -27.84 -48.80 41.19
N GLU C 268 -26.86 -49.03 40.30
CA GLU C 268 -25.52 -48.49 40.40
C GLU C 268 -25.48 -47.01 40.03
N VAL C 269 -24.57 -46.25 40.67
CA VAL C 269 -24.37 -44.82 40.41
C VAL C 269 -22.89 -44.61 40.06
N THR C 270 -22.63 -44.27 38.79
CA THR C 270 -21.28 -44.02 38.25
C THR C 270 -21.12 -42.52 37.93
N PHE C 271 -19.86 -42.03 37.87
CA PHE C 271 -19.55 -40.62 37.60
C PHE C 271 -18.68 -40.48 36.35
N ASP C 272 -19.19 -39.74 35.34
CA ASP C 272 -18.46 -39.47 34.11
C ASP C 272 -17.53 -38.29 34.34
N THR C 273 -16.37 -38.59 34.92
CA THR C 273 -15.29 -37.70 35.30
C THR C 273 -14.80 -36.85 34.11
N THR C 274 -14.93 -37.39 32.88
CA THR C 274 -14.53 -36.77 31.62
C THR C 274 -15.38 -35.54 31.29
N LYS C 275 -16.67 -35.57 31.69
CA LYS C 275 -17.63 -34.49 31.45
C LYS C 275 -17.29 -33.24 32.26
N SER C 276 -17.61 -32.06 31.70
CA SER C 276 -17.35 -30.75 32.27
C SER C 276 -18.13 -30.53 33.56
N ASP C 277 -17.45 -29.92 34.55
CA ASP C 277 -18.00 -29.56 35.85
C ASP C 277 -18.53 -28.12 35.83
N GLY C 278 -18.11 -27.35 34.82
CA GLY C 278 -18.45 -25.94 34.69
C GLY C 278 -17.81 -25.16 35.81
N GLN C 279 -18.53 -24.15 36.34
CA GLN C 279 -18.09 -23.34 37.47
C GLN C 279 -18.18 -24.19 38.74
N PHE C 280 -17.08 -24.34 39.48
CA PHE C 280 -17.04 -25.17 40.69
C PHE C 280 -17.98 -24.64 41.76
N LYS C 281 -17.91 -23.34 42.04
CA LYS C 281 -18.64 -22.65 43.10
C LYS C 281 -19.24 -21.35 42.60
N LYS C 282 -20.37 -20.94 43.20
CA LYS C 282 -21.08 -19.69 42.89
C LYS C 282 -21.92 -19.27 44.11
N THR C 283 -21.39 -19.54 45.33
CA THR C 283 -22.06 -19.29 46.62
C THR C 283 -22.56 -17.86 46.75
N ALA C 284 -23.88 -17.70 46.80
CA ALA C 284 -24.55 -16.41 46.94
C ALA C 284 -25.01 -16.18 48.38
N SER C 285 -25.03 -14.91 48.83
CA SER C 285 -25.46 -14.50 50.15
C SER C 285 -26.86 -13.89 50.08
N ASN C 286 -27.81 -14.47 50.84
CA ASN C 286 -29.19 -14.02 50.90
C ASN C 286 -29.41 -13.05 52.10
N SER C 287 -28.39 -12.23 52.40
CA SER C 287 -28.41 -11.27 53.49
C SER C 287 -29.44 -10.14 53.23
N LYS C 288 -29.53 -9.66 51.97
CA LYS C 288 -30.50 -8.62 51.59
C LYS C 288 -31.93 -9.16 51.72
N LEU C 289 -32.13 -10.44 51.36
CA LEU C 289 -33.43 -11.13 51.45
C LEU C 289 -33.81 -11.34 52.92
N ARG C 290 -32.83 -11.72 53.76
CA ARG C 290 -33.06 -11.98 55.17
C ARG C 290 -33.30 -10.69 55.98
N THR C 291 -32.84 -9.53 55.48
CA THR C 291 -33.09 -8.24 56.15
C THR C 291 -34.54 -7.80 55.88
N TYR C 292 -35.11 -8.24 54.73
CA TYR C 292 -36.48 -7.93 54.33
C TYR C 292 -37.47 -8.99 54.83
N LEU C 293 -37.16 -10.28 54.59
CA LEU C 293 -38.01 -11.40 54.99
C LEU C 293 -37.26 -12.35 55.94
N PRO C 294 -37.14 -12.03 57.24
CA PRO C 294 -36.44 -12.94 58.15
C PRO C 294 -37.28 -14.15 58.59
N ASP C 295 -38.61 -14.05 58.44
CA ASP C 295 -39.58 -15.08 58.82
C ASP C 295 -40.00 -16.01 57.67
N PHE C 296 -39.42 -15.85 56.44
CA PHE C 296 -39.77 -16.71 55.32
C PHE C 296 -39.12 -18.09 55.48
N ARG C 297 -39.95 -19.14 55.39
CA ARG C 297 -39.51 -20.53 55.51
C ARG C 297 -39.44 -21.19 54.13
N PHE C 298 -38.28 -21.78 53.81
CA PHE C 298 -38.07 -22.50 52.56
C PHE C 298 -38.52 -23.95 52.68
N THR C 299 -38.91 -24.57 51.55
CA THR C 299 -39.34 -25.97 51.53
C THR C 299 -38.07 -26.85 51.69
N PRO C 300 -38.04 -27.80 52.65
CA PRO C 300 -36.85 -28.66 52.78
C PRO C 300 -36.50 -29.33 51.46
N PHE C 301 -35.23 -29.23 51.04
CA PHE C 301 -34.69 -29.74 49.77
C PHE C 301 -35.20 -31.14 49.40
N LYS C 302 -35.09 -32.11 50.32
CA LYS C 302 -35.53 -33.50 50.14
C LYS C 302 -37.02 -33.59 49.85
N GLN C 303 -37.84 -32.75 50.52
CA GLN C 303 -39.30 -32.72 50.36
C GLN C 303 -39.66 -32.13 48.99
N ALA C 304 -38.93 -31.09 48.56
CA ALA C 304 -39.10 -30.41 47.29
C ALA C 304 -38.67 -31.31 46.11
N VAL C 305 -37.56 -32.06 46.27
CA VAL C 305 -37.04 -33.00 45.28
C VAL C 305 -38.08 -34.12 45.08
N LYS C 306 -38.58 -34.71 46.19
CA LYS C 306 -39.60 -35.77 46.17
C LYS C 306 -40.86 -35.31 45.44
N GLU C 307 -41.33 -34.06 45.72
CA GLU C 307 -42.50 -33.46 45.09
C GLU C 307 -42.31 -33.30 43.57
N THR C 308 -41.08 -32.92 43.15
CA THR C 308 -40.70 -32.73 41.75
C THR C 308 -40.62 -34.10 41.05
N CYS C 309 -39.99 -35.10 41.70
CA CYS C 309 -39.85 -36.47 41.20
C CYS C 309 -41.23 -37.10 41.00
N ALA C 310 -42.14 -36.92 41.98
CA ALA C 310 -43.52 -37.42 41.94
C ALA C 310 -44.29 -36.80 40.77
N TRP C 311 -44.13 -35.48 40.53
CA TRP C 311 -44.77 -34.77 39.43
C TRP C 311 -44.30 -35.32 38.09
N PHE C 312 -42.98 -35.52 37.94
CA PHE C 312 -42.37 -36.06 36.73
C PHE C 312 -42.87 -37.48 36.43
N THR C 313 -42.98 -38.34 37.46
CA THR C 313 -43.45 -39.73 37.32
C THR C 313 -44.96 -39.76 36.93
N ASP C 314 -45.78 -38.88 37.52
CA ASP C 314 -47.23 -38.81 37.27
C ASP C 314 -47.55 -38.13 35.92
N ASN C 315 -46.79 -37.07 35.54
CA ASN C 315 -46.98 -36.31 34.30
C ASN C 315 -45.80 -36.49 33.33
N TYR C 316 -45.31 -37.74 33.19
CA TYR C 316 -44.14 -38.08 32.35
C TYR C 316 -44.36 -37.79 30.86
N GLU C 317 -45.51 -38.21 30.30
CA GLU C 317 -45.84 -38.02 28.88
C GLU C 317 -45.98 -36.54 28.51
N GLN C 318 -46.47 -35.70 29.44
CA GLN C 318 -46.67 -34.26 29.24
C GLN C 318 -45.39 -33.44 29.49
N ALA C 319 -44.47 -33.96 30.34
CA ALA C 319 -43.21 -33.31 30.73
C ALA C 319 -42.27 -32.97 29.55
N ARG C 320 -41.57 -31.84 29.64
CA ARG C 320 -40.61 -31.34 28.66
C ARG C 320 -39.29 -32.09 28.78
N MET D 8 -7.28 -29.27 -22.67
CA MET D 8 -6.10 -28.51 -23.09
C MET D 8 -4.81 -29.15 -22.61
N ARG D 9 -3.81 -29.19 -23.51
CA ARG D 9 -2.45 -29.66 -23.24
C ARG D 9 -1.53 -28.50 -23.56
N ILE D 10 -1.03 -27.82 -22.51
CA ILE D 10 -0.20 -26.63 -22.67
C ILE D 10 1.29 -26.95 -22.45
N LEU D 11 2.09 -26.84 -23.51
CA LEU D 11 3.54 -27.04 -23.45
C LEU D 11 4.20 -25.68 -23.27
N VAL D 12 4.82 -25.46 -22.11
CA VAL D 12 5.50 -24.20 -21.80
C VAL D 12 7.01 -24.39 -21.96
N THR D 13 7.57 -23.83 -23.04
CA THR D 13 9.02 -23.91 -23.34
C THR D 13 9.74 -22.88 -22.48
N GLY D 14 10.93 -23.23 -21.99
CA GLY D 14 11.73 -22.37 -21.13
C GLY D 14 11.02 -22.03 -19.83
N GLY D 15 10.46 -23.04 -19.20
CA GLY D 15 9.71 -22.93 -17.96
C GLY D 15 10.53 -22.83 -16.69
N SER D 16 11.87 -22.84 -16.81
CA SER D 16 12.81 -22.76 -15.68
C SER D 16 13.37 -21.33 -15.49
N GLY D 17 12.92 -20.40 -16.31
CA GLY D 17 13.36 -19.02 -16.24
C GLY D 17 12.50 -18.12 -15.37
N LEU D 18 12.74 -16.79 -15.46
CA LEU D 18 12.02 -15.76 -14.71
C LEU D 18 10.50 -15.81 -15.00
N VAL D 19 10.11 -15.80 -16.29
CA VAL D 19 8.69 -15.83 -16.69
C VAL D 19 8.11 -17.24 -16.50
N GLY D 20 8.92 -18.27 -16.77
CA GLY D 20 8.54 -19.67 -16.61
C GLY D 20 8.15 -20.08 -15.21
N LYS D 21 9.00 -19.73 -14.21
CA LYS D 21 8.75 -20.05 -12.79
C LYS D 21 7.58 -19.21 -12.26
N ALA D 22 7.36 -18.01 -12.82
CA ALA D 22 6.24 -17.13 -12.47
C ALA D 22 4.91 -17.76 -12.89
N ILE D 23 4.84 -18.31 -14.12
CA ILE D 23 3.65 -19.00 -14.65
C ILE D 23 3.47 -20.30 -13.83
N GLN D 24 4.59 -20.98 -13.49
CA GLN D 24 4.62 -22.21 -12.68
C GLN D 24 4.04 -21.96 -11.28
N LYS D 25 4.41 -20.82 -10.64
CA LYS D 25 3.94 -20.42 -9.31
C LYS D 25 2.47 -20.03 -9.32
N VAL D 26 2.02 -19.25 -10.33
CA VAL D 26 0.63 -18.77 -10.47
C VAL D 26 -0.31 -19.97 -10.68
N VAL D 27 0.03 -20.89 -11.60
CA VAL D 27 -0.74 -22.12 -11.90
C VAL D 27 -0.88 -22.99 -10.64
N ALA D 28 0.22 -23.17 -9.88
CA ALA D 28 0.26 -23.95 -8.64
C ALA D 28 -0.52 -23.27 -7.50
N ASP D 29 -0.57 -21.92 -7.50
CA ASP D 29 -1.28 -21.14 -6.48
C ASP D 29 -2.82 -21.09 -6.70
N GLY D 30 -3.30 -21.79 -7.72
CA GLY D 30 -4.72 -21.86 -8.03
C GLY D 30 -5.18 -20.99 -9.19
N ALA D 31 -4.74 -21.31 -10.40
CA ALA D 31 -5.08 -20.60 -11.63
C ALA D 31 -5.37 -21.56 -12.79
N GLY D 32 -4.84 -22.78 -12.69
CA GLY D 32 -5.04 -23.82 -13.68
C GLY D 32 -6.45 -24.39 -13.64
N LEU D 33 -7.26 -24.05 -14.67
CA LEU D 33 -8.65 -24.48 -14.81
C LEU D 33 -8.75 -26.01 -15.03
N PRO D 34 -9.83 -26.70 -14.57
CA PRO D 34 -9.90 -28.17 -14.77
C PRO D 34 -9.91 -28.55 -16.25
N GLY D 35 -9.15 -29.58 -16.59
CA GLY D 35 -9.00 -30.08 -17.96
C GLY D 35 -7.79 -29.52 -18.68
N GLU D 36 -6.81 -28.99 -17.91
CA GLU D 36 -5.57 -28.39 -18.42
C GLU D 36 -4.35 -29.16 -17.95
N ASP D 37 -3.49 -29.61 -18.90
CA ASP D 37 -2.25 -30.31 -18.60
C ASP D 37 -1.08 -29.37 -18.87
N TRP D 38 -0.45 -28.86 -17.80
CA TRP D 38 0.67 -27.93 -17.87
C TRP D 38 2.01 -28.68 -17.84
N VAL D 39 2.75 -28.63 -18.97
CA VAL D 39 4.06 -29.28 -19.14
C VAL D 39 5.12 -28.18 -19.31
N PHE D 40 5.92 -27.96 -18.26
CA PHE D 40 7.01 -26.98 -18.23
C PHE D 40 8.32 -27.69 -18.54
N VAL D 41 8.97 -27.29 -19.64
CA VAL D 41 10.23 -27.89 -20.07
C VAL D 41 11.36 -26.86 -20.06
N SER D 42 12.62 -27.34 -20.18
CA SER D 42 13.82 -26.51 -20.24
C SER D 42 14.79 -27.11 -21.28
N SER D 43 16.09 -26.74 -21.21
CA SER D 43 17.14 -27.25 -22.11
C SER D 43 17.47 -28.72 -21.81
N LYS D 44 17.31 -29.15 -20.54
CA LYS D 44 17.56 -30.52 -20.10
C LYS D 44 16.57 -31.49 -20.73
N ASP D 45 15.33 -31.03 -20.98
CA ASP D 45 14.26 -31.81 -21.60
C ASP D 45 14.50 -31.93 -23.11
N ALA D 46 14.99 -30.84 -23.76
CA ALA D 46 15.32 -30.74 -25.19
C ALA D 46 16.02 -29.41 -25.50
N ASP D 47 17.17 -29.49 -26.20
CA ASP D 47 17.91 -28.31 -26.66
C ASP D 47 17.14 -27.80 -27.87
N LEU D 48 16.41 -26.69 -27.69
CA LEU D 48 15.52 -26.14 -28.71
C LEU D 48 16.24 -25.55 -29.94
N THR D 49 17.57 -25.49 -29.93
CA THR D 49 18.36 -25.05 -31.10
C THR D 49 18.49 -26.25 -32.05
N ASP D 50 18.35 -27.49 -31.52
CA ASP D 50 18.42 -28.76 -32.25
C ASP D 50 17.02 -29.11 -32.76
N THR D 51 16.88 -29.25 -34.09
CA THR D 51 15.63 -29.55 -34.80
C THR D 51 15.09 -30.94 -34.42
N ALA D 52 15.97 -31.95 -34.34
CA ALA D 52 15.60 -33.34 -34.00
C ALA D 52 15.09 -33.46 -32.56
N GLN D 53 15.76 -32.79 -31.60
CA GLN D 53 15.40 -32.80 -30.17
C GLN D 53 14.03 -32.14 -29.93
N THR D 54 13.75 -31.01 -30.63
CA THR D 54 12.50 -30.25 -30.53
C THR D 54 11.33 -31.07 -31.11
N ARG D 55 11.53 -31.68 -32.30
CA ARG D 55 10.54 -32.51 -32.98
C ARG D 55 10.13 -33.68 -32.09
N ALA D 56 11.10 -34.32 -31.41
CA ALA D 56 10.90 -35.44 -30.49
C ALA D 56 10.09 -35.02 -29.24
N LEU D 57 10.33 -33.79 -28.72
CA LEU D 57 9.64 -33.24 -27.56
C LEU D 57 8.16 -32.95 -27.88
N PHE D 58 7.90 -32.34 -29.05
CA PHE D 58 6.56 -32.01 -29.55
C PHE D 58 5.79 -33.28 -29.97
N GLU D 59 6.50 -34.37 -30.32
CA GLU D 59 5.90 -35.63 -30.71
C GLU D 59 5.49 -36.42 -29.46
N LYS D 60 6.36 -36.45 -28.42
CA LYS D 60 6.11 -37.14 -27.15
C LYS D 60 5.04 -36.39 -26.35
N VAL D 61 5.23 -35.07 -26.17
CA VAL D 61 4.27 -34.19 -25.51
C VAL D 61 3.47 -33.54 -26.62
N GLN D 62 2.32 -34.12 -27.00
CA GLN D 62 1.46 -33.60 -28.07
C GLN D 62 0.58 -32.47 -27.52
N PRO D 63 0.94 -31.17 -27.75
CA PRO D 63 0.15 -30.10 -27.16
C PRO D 63 -0.91 -29.49 -28.09
N THR D 64 -1.94 -28.90 -27.47
CA THR D 64 -3.01 -28.18 -28.15
C THR D 64 -2.68 -26.69 -28.09
N HIS D 65 -2.04 -26.27 -26.99
CA HIS D 65 -1.61 -24.89 -26.73
C HIS D 65 -0.13 -24.86 -26.39
N VAL D 66 0.57 -23.78 -26.82
CA VAL D 66 2.01 -23.61 -26.59
C VAL D 66 2.30 -22.19 -26.08
N ILE D 67 3.09 -22.10 -24.99
CA ILE D 67 3.60 -20.85 -24.42
C ILE D 67 5.11 -20.92 -24.68
N HIS D 68 5.58 -20.17 -25.68
CA HIS D 68 7.00 -20.19 -26.07
C HIS D 68 7.76 -19.05 -25.38
N LEU D 69 8.62 -19.42 -24.41
CA LEU D 69 9.45 -18.51 -23.62
C LEU D 69 10.94 -18.74 -23.84
N ALA D 70 11.32 -19.92 -24.34
CA ALA D 70 12.72 -20.31 -24.54
C ALA D 70 13.43 -19.38 -25.52
N ALA D 71 14.47 -18.70 -25.01
CA ALA D 71 15.31 -17.76 -25.75
C ALA D 71 16.59 -17.44 -25.00
N MET D 72 17.56 -16.87 -25.74
CA MET D 72 18.80 -16.33 -25.21
C MET D 72 18.45 -14.91 -24.74
N VAL D 73 18.39 -14.73 -23.43
CA VAL D 73 18.01 -13.46 -22.81
C VAL D 73 19.16 -12.96 -21.96
N GLY D 74 19.42 -11.66 -22.05
CA GLY D 74 20.46 -10.98 -21.29
C GLY D 74 20.21 -9.51 -21.16
N GLY D 75 20.92 -8.87 -20.24
CA GLY D 75 20.82 -7.43 -20.06
C GLY D 75 21.45 -6.67 -21.22
N LEU D 76 21.55 -5.36 -21.08
CA LEU D 76 22.11 -4.50 -22.12
C LEU D 76 23.55 -4.88 -22.45
N PHE D 77 24.39 -5.00 -21.44
CA PHE D 77 25.82 -5.27 -21.56
C PHE D 77 26.15 -6.66 -22.19
N ARG D 78 25.23 -7.65 -22.10
CA ARG D 78 25.43 -8.96 -22.73
C ARG D 78 25.07 -8.89 -24.22
N ASN D 79 24.02 -8.14 -24.53
CA ASN D 79 23.50 -7.94 -25.87
C ASN D 79 24.53 -7.23 -26.75
N ILE D 80 25.14 -6.13 -26.25
CA ILE D 80 26.14 -5.36 -26.99
C ILE D 80 27.36 -6.23 -27.33
N LYS D 81 27.63 -7.25 -26.49
CA LYS D 81 28.75 -8.16 -26.62
C LYS D 81 28.51 -9.29 -27.63
N TYR D 82 27.30 -9.91 -27.62
CA TYR D 82 27.04 -11.11 -28.46
C TYR D 82 25.77 -11.01 -29.33
N ASN D 83 25.69 -10.00 -30.22
CA ASN D 83 24.52 -9.85 -31.11
C ASN D 83 24.37 -11.00 -32.13
N LEU D 84 25.48 -11.67 -32.56
CA LEU D 84 25.42 -12.80 -33.50
C LEU D 84 24.77 -13.99 -32.80
N ASP D 85 25.18 -14.29 -31.55
CA ASP D 85 24.66 -15.36 -30.70
C ASP D 85 23.19 -15.14 -30.38
N PHE D 86 22.80 -13.89 -30.02
CA PHE D 86 21.42 -13.52 -29.71
C PHE D 86 20.53 -13.66 -30.94
N TRP D 87 21.07 -13.42 -32.15
CA TRP D 87 20.35 -13.57 -33.40
C TRP D 87 20.20 -15.05 -33.78
N ARG D 88 21.34 -15.77 -33.95
CA ARG D 88 21.40 -17.16 -34.38
C ARG D 88 20.68 -18.12 -33.43
N LYS D 89 21.06 -18.14 -32.13
CA LYS D 89 20.48 -19.06 -31.14
C LYS D 89 18.95 -18.89 -30.99
N ASN D 90 18.44 -17.64 -31.00
CA ASN D 90 17.00 -17.37 -30.89
C ASN D 90 16.22 -17.77 -32.16
N VAL D 91 16.74 -17.44 -33.36
CA VAL D 91 16.10 -17.78 -34.65
C VAL D 91 15.92 -19.30 -34.78
N HIS D 92 16.95 -20.09 -34.36
CA HIS D 92 16.89 -21.56 -34.37
C HIS D 92 15.80 -22.06 -33.43
N MET D 93 15.78 -21.55 -32.17
CA MET D 93 14.79 -21.91 -31.15
C MET D 93 13.38 -21.56 -31.58
N ASN D 94 13.18 -20.36 -32.15
CA ASN D 94 11.87 -19.88 -32.59
C ASN D 94 11.34 -20.70 -33.76
N ASP D 95 12.16 -20.95 -34.79
CA ASP D 95 11.76 -21.73 -35.95
C ASP D 95 11.44 -23.18 -35.59
N ASN D 96 12.27 -23.81 -34.72
CA ASN D 96 12.07 -25.19 -34.30
C ASN D 96 10.79 -25.36 -33.48
N VAL D 97 10.47 -24.40 -32.58
CA VAL D 97 9.27 -24.46 -31.73
C VAL D 97 8.01 -24.17 -32.58
N LEU D 98 8.02 -23.09 -33.39
CA LEU D 98 6.86 -22.70 -34.21
C LEU D 98 6.51 -23.74 -35.27
N HIS D 99 7.52 -24.29 -35.98
CA HIS D 99 7.25 -25.28 -37.02
C HIS D 99 6.90 -26.64 -36.45
N SER D 100 7.46 -27.02 -35.27
CA SER D 100 7.14 -28.29 -34.61
C SER D 100 5.70 -28.29 -34.09
N ALA D 101 5.23 -27.12 -33.63
CA ALA D 101 3.86 -26.91 -33.14
C ALA D 101 2.87 -26.97 -34.30
N PHE D 102 3.32 -26.55 -35.50
CA PHE D 102 2.54 -26.56 -36.73
C PHE D 102 2.31 -28.00 -37.23
N GLU D 103 3.38 -28.82 -37.32
CA GLU D 103 3.29 -30.20 -37.80
C GLU D 103 2.58 -31.13 -36.79
N VAL D 104 2.59 -30.79 -35.49
CA VAL D 104 1.89 -31.56 -34.45
C VAL D 104 0.40 -31.12 -34.41
N GLY D 105 0.11 -29.95 -34.99
CA GLY D 105 -1.24 -29.41 -35.09
C GLY D 105 -1.74 -28.72 -33.85
N ALA D 106 -0.92 -27.81 -33.27
CA ALA D 106 -1.26 -27.04 -32.08
C ALA D 106 -2.28 -25.96 -32.45
N ARG D 107 -3.38 -25.88 -31.69
CA ARG D 107 -4.48 -24.93 -31.89
C ARG D 107 -4.04 -23.48 -31.69
N LYS D 108 -3.13 -23.21 -30.73
CA LYS D 108 -2.65 -21.87 -30.42
C LYS D 108 -1.21 -21.88 -29.92
N VAL D 109 -0.40 -20.89 -30.39
CA VAL D 109 0.99 -20.73 -29.98
C VAL D 109 1.21 -19.26 -29.63
N VAL D 110 1.52 -18.99 -28.34
CA VAL D 110 1.77 -17.64 -27.86
C VAL D 110 3.26 -17.51 -27.59
N SER D 111 3.96 -16.77 -28.45
CA SER D 111 5.40 -16.55 -28.32
C SER D 111 5.66 -15.30 -27.49
N CYS D 112 6.93 -15.04 -27.17
CA CYS D 112 7.30 -13.90 -26.32
C CYS D 112 8.23 -12.95 -27.07
N LEU D 113 7.85 -11.66 -27.14
CA LEU D 113 8.63 -10.59 -27.75
C LEU D 113 9.16 -9.66 -26.64
N SER D 114 9.53 -8.39 -26.95
CA SER D 114 10.05 -7.43 -25.97
C SER D 114 9.85 -5.99 -26.45
N THR D 115 9.85 -5.00 -25.54
CA THR D 115 9.67 -3.60 -25.94
C THR D 115 10.99 -2.99 -26.45
N CYS D 116 12.13 -3.69 -26.25
CA CYS D 116 13.44 -3.24 -26.70
C CYS D 116 13.68 -3.58 -28.18
N ILE D 117 12.74 -4.32 -28.81
CA ILE D 117 12.79 -4.73 -30.21
C ILE D 117 12.24 -3.64 -31.14
N PHE D 118 11.54 -2.64 -30.56
CA PHE D 118 10.89 -1.56 -31.30
C PHE D 118 11.90 -0.59 -31.96
N PRO D 119 11.47 0.19 -32.99
CA PRO D 119 12.41 1.09 -33.67
C PRO D 119 12.99 2.14 -32.73
N ASP D 120 14.30 2.45 -32.88
CA ASP D 120 15.01 3.45 -32.05
C ASP D 120 14.46 4.85 -32.32
N LYS D 121 14.30 5.23 -33.61
CA LYS D 121 13.75 6.52 -34.00
C LYS D 121 12.25 6.34 -34.25
N THR D 122 11.43 6.70 -33.24
CA THR D 122 9.98 6.52 -33.29
C THR D 122 9.23 7.60 -32.49
N THR D 123 7.89 7.62 -32.63
CA THR D 123 6.99 8.47 -31.87
C THR D 123 6.63 7.71 -30.59
N TYR D 124 6.34 8.44 -29.50
CA TYR D 124 5.98 7.79 -28.23
C TYR D 124 4.55 8.19 -27.81
N PRO D 125 3.74 7.27 -27.22
CA PRO D 125 4.05 5.89 -26.87
C PRO D 125 4.00 4.92 -28.06
N ILE D 126 4.72 3.80 -27.91
CA ILE D 126 4.86 2.72 -28.87
C ILE D 126 3.65 1.78 -28.78
N ASP D 127 3.08 1.41 -29.94
CA ASP D 127 1.96 0.47 -30.01
C ASP D 127 2.35 -0.74 -30.87
N GLU D 128 1.50 -1.78 -30.85
CA GLU D 128 1.66 -3.07 -31.53
C GLU D 128 1.76 -3.00 -33.07
N THR D 129 1.45 -1.85 -33.68
CA THR D 129 1.49 -1.65 -35.14
C THR D 129 2.83 -1.05 -35.60
N MET D 130 3.61 -0.50 -34.65
CA MET D 130 4.89 0.19 -34.89
C MET D 130 6.12 -0.73 -34.83
N ILE D 131 5.93 -2.04 -34.57
CA ILE D 131 7.02 -3.04 -34.43
C ILE D 131 8.08 -3.02 -35.55
N HIS D 132 7.69 -2.91 -36.83
CA HIS D 132 8.61 -2.98 -37.97
C HIS D 132 8.88 -1.62 -38.64
N ASN D 133 8.45 -0.50 -38.02
CA ASN D 133 8.58 0.84 -38.60
C ASN D 133 9.96 1.49 -38.34
N GLY D 134 11.04 0.85 -38.80
CA GLY D 134 12.39 1.36 -38.62
C GLY D 134 13.33 0.42 -37.87
N PRO D 135 14.66 0.65 -37.96
CA PRO D 135 15.60 -0.25 -37.29
C PRO D 135 15.59 -0.14 -35.76
N PRO D 136 15.88 -1.25 -35.04
CA PRO D 136 15.92 -1.17 -33.58
C PRO D 136 17.23 -0.52 -33.11
N HIS D 137 17.47 -0.47 -31.78
CA HIS D 137 18.69 0.09 -31.22
C HIS D 137 19.88 -0.80 -31.62
N ASN D 138 21.03 -0.17 -31.91
CA ASN D 138 22.27 -0.82 -32.36
C ASN D 138 22.84 -1.82 -31.34
N SER D 139 22.59 -1.58 -30.04
CA SER D 139 23.09 -2.40 -28.93
C SER D 139 22.51 -3.83 -28.91
N ASN D 140 21.21 -4.00 -29.24
CA ASN D 140 20.58 -5.32 -29.21
C ASN D 140 19.86 -5.68 -30.52
N PHE D 141 20.38 -5.23 -31.68
CA PHE D 141 19.78 -5.48 -33.00
C PHE D 141 19.58 -6.99 -33.28
N GLY D 142 20.51 -7.83 -32.81
CA GLY D 142 20.46 -9.29 -32.98
C GLY D 142 19.23 -9.91 -32.36
N TYR D 143 19.05 -9.71 -31.04
CA TYR D 143 17.93 -10.20 -30.24
C TYR D 143 16.63 -9.57 -30.76
N SER D 144 16.65 -8.24 -31.02
CA SER D 144 15.53 -7.44 -31.54
C SER D 144 14.98 -7.98 -32.88
N TYR D 145 15.87 -8.33 -33.84
CA TYR D 145 15.40 -8.86 -35.12
C TYR D 145 14.92 -10.30 -35.01
N ALA D 146 15.53 -11.11 -34.12
CA ALA D 146 15.12 -12.50 -33.86
C ALA D 146 13.66 -12.57 -33.34
N LYS D 147 13.30 -11.64 -32.43
CA LYS D 147 11.97 -11.52 -31.85
C LYS D 147 11.00 -10.89 -32.86
N ARG D 148 11.48 -9.94 -33.70
CA ARG D 148 10.66 -9.30 -34.74
C ARG D 148 10.23 -10.32 -35.79
N MET D 149 11.09 -11.33 -36.04
CA MET D 149 10.85 -12.39 -37.02
C MET D 149 9.84 -13.42 -36.49
N ILE D 150 9.53 -13.40 -35.17
CA ILE D 150 8.50 -14.25 -34.59
C ILE D 150 7.16 -13.77 -35.17
N ASP D 151 6.94 -12.43 -35.13
CA ASP D 151 5.74 -11.79 -35.66
C ASP D 151 5.59 -12.04 -37.16
N VAL D 152 6.71 -11.99 -37.91
CA VAL D 152 6.79 -12.24 -39.35
C VAL D 152 6.35 -13.69 -39.63
N GLN D 153 6.86 -14.66 -38.83
CA GLN D 153 6.50 -16.07 -38.94
C GLN D 153 5.03 -16.29 -38.53
N ASN D 154 4.56 -15.62 -37.46
CA ASN D 154 3.19 -15.68 -36.97
C ASN D 154 2.19 -15.27 -38.06
N ARG D 155 2.53 -14.18 -38.81
CA ARG D 155 1.75 -13.64 -39.94
C ARG D 155 1.73 -14.63 -41.11
N ALA D 156 2.88 -15.25 -41.40
CA ALA D 156 3.06 -16.22 -42.50
C ALA D 156 2.24 -17.50 -42.28
N TYR D 157 2.19 -18.04 -41.03
CA TYR D 157 1.39 -19.24 -40.70
C TYR D 157 -0.08 -18.94 -40.76
N PHE D 158 -0.47 -17.74 -40.28
CA PHE D 158 -1.87 -17.31 -40.24
C PHE D 158 -2.43 -17.03 -41.63
N GLN D 159 -1.69 -16.28 -42.47
CA GLN D 159 -2.16 -15.93 -43.81
C GLN D 159 -2.19 -17.12 -44.78
N GLN D 160 -1.29 -18.12 -44.61
CA GLN D 160 -1.18 -19.28 -45.49
C GLN D 160 -1.95 -20.52 -45.00
N TYR D 161 -2.09 -20.72 -43.67
CA TYR D 161 -2.76 -21.92 -43.13
C TYR D 161 -3.91 -21.63 -42.14
N GLY D 162 -4.03 -20.38 -41.68
CA GLY D 162 -5.09 -19.98 -40.74
C GLY D 162 -4.78 -20.25 -39.29
N CYS D 163 -3.49 -20.47 -38.97
CA CYS D 163 -2.98 -20.76 -37.63
C CYS D 163 -3.13 -19.56 -36.73
N THR D 164 -3.63 -19.78 -35.51
CA THR D 164 -3.77 -18.72 -34.51
C THR D 164 -2.44 -18.69 -33.72
N PHE D 165 -1.38 -18.27 -34.42
CA PHE D 165 -0.03 -18.10 -33.89
C PHE D 165 0.12 -16.63 -33.57
N THR D 166 0.17 -16.31 -32.28
CA THR D 166 0.26 -14.93 -31.83
C THR D 166 1.50 -14.74 -30.94
N ALA D 167 1.63 -13.55 -30.32
CA ALA D 167 2.75 -13.17 -29.46
C ALA D 167 2.33 -12.10 -28.45
N VAL D 168 3.12 -11.95 -27.38
CA VAL D 168 2.92 -10.93 -26.34
C VAL D 168 4.19 -10.07 -26.29
N ILE D 169 4.03 -8.78 -25.96
CA ILE D 169 5.17 -7.87 -25.88
C ILE D 169 5.31 -7.33 -24.44
N PRO D 170 6.01 -8.06 -23.55
CA PRO D 170 6.19 -7.55 -22.18
C PRO D 170 7.31 -6.51 -22.12
N THR D 171 7.28 -5.65 -21.09
CA THR D 171 8.30 -4.65 -20.80
C THR D 171 9.38 -5.31 -19.94
N ASN D 172 10.35 -4.55 -19.40
CA ASN D 172 11.41 -5.10 -18.54
C ASN D 172 10.75 -5.86 -17.40
N VAL D 173 11.01 -7.17 -17.33
CA VAL D 173 10.42 -8.06 -16.32
C VAL D 173 11.41 -8.22 -15.15
N PHE D 174 10.88 -8.44 -13.96
CA PHE D 174 11.64 -8.66 -12.73
C PHE D 174 10.83 -9.54 -11.78
N GLY D 175 11.52 -10.21 -10.88
CA GLY D 175 10.90 -11.06 -9.87
C GLY D 175 11.78 -12.23 -9.45
N PRO D 176 11.21 -13.23 -8.75
CA PRO D 176 12.01 -14.39 -8.33
C PRO D 176 12.41 -15.27 -9.51
N HIS D 177 13.52 -16.03 -9.34
CA HIS D 177 14.13 -16.96 -10.31
C HIS D 177 14.68 -16.20 -11.54
N ASP D 178 15.18 -14.98 -11.29
CA ASP D 178 15.80 -14.09 -12.27
C ASP D 178 17.29 -14.41 -12.40
N ASN D 179 17.98 -13.82 -13.40
CA ASN D 179 19.43 -13.95 -13.56
C ASN D 179 20.05 -12.77 -12.83
N PHE D 180 20.65 -13.05 -11.66
CA PHE D 180 21.22 -12.03 -10.80
C PHE D 180 22.73 -11.84 -11.04
N ASN D 181 23.23 -12.28 -12.21
CA ASN D 181 24.62 -12.06 -12.61
C ASN D 181 24.72 -10.60 -13.08
N ILE D 182 25.38 -9.74 -12.28
CA ILE D 182 25.54 -8.29 -12.54
C ILE D 182 26.04 -7.99 -13.96
N GLU D 183 26.98 -8.82 -14.47
CA GLU D 183 27.57 -8.67 -15.79
C GLU D 183 26.59 -9.00 -16.94
N ASP D 184 25.89 -10.17 -16.87
CA ASP D 184 25.00 -10.66 -17.94
C ASP D 184 23.50 -10.42 -17.70
N GLY D 185 23.11 -9.93 -16.52
CA GLY D 185 21.71 -9.71 -16.20
C GLY D 185 21.16 -8.34 -16.51
N HIS D 186 19.88 -8.13 -16.16
CA HIS D 186 19.11 -6.89 -16.32
C HIS D 186 19.37 -5.90 -15.17
N VAL D 187 18.87 -4.66 -15.31
CA VAL D 187 19.05 -3.53 -14.38
C VAL D 187 18.57 -3.87 -12.93
N LEU D 188 17.28 -4.18 -12.69
CA LEU D 188 16.77 -4.49 -11.34
C LEU D 188 17.46 -5.74 -10.70
N PRO D 189 17.56 -6.97 -11.32
CA PRO D 189 18.29 -8.07 -10.64
C PRO D 189 19.79 -7.79 -10.45
N GLY D 190 20.37 -6.97 -11.32
CA GLY D 190 21.77 -6.58 -11.24
C GLY D 190 22.02 -5.61 -10.11
N LEU D 191 21.07 -4.67 -9.86
CA LEU D 191 21.12 -3.70 -8.77
C LEU D 191 20.85 -4.41 -7.43
N ILE D 192 19.91 -5.40 -7.42
CA ILE D 192 19.54 -6.17 -6.24
C ILE D 192 20.77 -6.93 -5.70
N HIS D 193 21.59 -7.52 -6.60
CA HIS D 193 22.81 -8.24 -6.25
C HIS D 193 23.91 -7.24 -5.79
N LYS D 194 23.99 -6.07 -6.45
CA LYS D 194 24.94 -4.98 -6.19
C LYS D 194 24.88 -4.48 -4.75
N VAL D 195 23.67 -4.11 -4.26
CA VAL D 195 23.42 -3.61 -2.90
C VAL D 195 23.68 -4.75 -1.87
N HIS D 196 23.33 -6.00 -2.22
CA HIS D 196 23.58 -7.16 -1.35
C HIS D 196 25.09 -7.31 -1.14
N LEU D 197 25.87 -7.23 -2.25
CA LEU D 197 27.34 -7.31 -2.25
C LEU D 197 27.94 -6.07 -1.59
N ALA D 198 27.30 -4.89 -1.77
CA ALA D 198 27.73 -3.62 -1.16
C ALA D 198 27.59 -3.69 0.36
N LYS D 199 26.46 -4.27 0.86
CA LYS D 199 26.14 -4.45 2.29
C LYS D 199 27.13 -5.40 2.98
N SER D 200 27.54 -6.47 2.27
CA SER D 200 28.48 -7.47 2.77
C SER D 200 29.93 -6.93 2.80
N SER D 201 30.36 -6.25 1.72
CA SER D 201 31.70 -5.69 1.55
C SER D 201 31.91 -4.36 2.30
N GLY D 202 30.82 -3.65 2.57
CA GLY D 202 30.86 -2.33 3.21
C GLY D 202 31.19 -1.25 2.20
N SER D 203 31.03 -1.56 0.90
CA SER D 203 31.29 -0.67 -0.23
C SER D 203 30.04 0.10 -0.63
N ALA D 204 30.20 1.14 -1.46
CA ALA D 204 29.10 1.96 -1.95
C ALA D 204 28.40 1.29 -3.14
N LEU D 205 27.16 1.71 -3.43
CA LEU D 205 26.40 1.19 -4.57
C LEU D 205 26.79 1.98 -5.82
N THR D 206 27.23 1.26 -6.87
CA THR D 206 27.61 1.89 -8.12
C THR D 206 26.54 1.55 -9.16
N VAL D 207 25.71 2.54 -9.49
CA VAL D 207 24.68 2.41 -10.52
C VAL D 207 25.37 2.75 -11.85
N TRP D 208 25.18 1.92 -12.89
CA TRP D 208 25.79 2.15 -14.20
C TRP D 208 24.96 3.13 -15.03
N GLY D 209 25.65 3.92 -15.84
CA GLY D 209 25.05 4.95 -16.67
C GLY D 209 24.85 6.24 -15.91
N THR D 210 23.83 7.03 -16.29
CA THR D 210 23.52 8.33 -15.69
C THR D 210 22.34 8.25 -14.73
N GLY D 211 21.50 7.24 -14.90
CA GLY D 211 20.29 7.04 -14.11
C GLY D 211 19.08 7.74 -14.70
N ASN D 212 19.27 8.45 -15.83
CA ASN D 212 18.22 9.20 -16.52
C ASN D 212 17.36 8.32 -17.47
N PRO D 213 17.87 7.25 -18.16
CA PRO D 213 16.97 6.48 -19.04
C PRO D 213 15.69 6.02 -18.34
N ARG D 214 14.56 6.15 -19.03
CA ARG D 214 13.25 5.80 -18.50
C ARG D 214 12.81 4.38 -18.96
N ARG D 215 12.25 3.60 -18.01
CA ARG D 215 11.80 2.22 -18.25
C ARG D 215 10.47 1.92 -17.57
N GLN D 216 9.69 1.00 -18.17
CA GLN D 216 8.45 0.47 -17.61
C GLN D 216 8.78 -0.93 -17.13
N PHE D 217 8.48 -1.23 -15.87
CA PHE D 217 8.79 -2.55 -15.30
C PHE D 217 7.51 -3.32 -15.02
N ILE D 218 7.57 -4.64 -15.21
CA ILE D 218 6.43 -5.53 -14.97
C ILE D 218 6.88 -6.66 -14.05
N TYR D 219 6.09 -6.93 -13.00
CA TYR D 219 6.40 -8.01 -12.05
C TYR D 219 6.09 -9.34 -12.71
N SER D 220 7.03 -10.30 -12.61
CA SER D 220 6.94 -11.62 -13.22
C SER D 220 5.61 -12.31 -12.90
N LEU D 221 5.11 -12.18 -11.65
CA LEU D 221 3.84 -12.76 -11.20
C LEU D 221 2.63 -12.08 -11.88
N ASP D 222 2.72 -10.76 -12.15
CA ASP D 222 1.65 -10.01 -12.84
C ASP D 222 1.58 -10.42 -14.31
N LEU D 223 2.74 -10.47 -14.99
CA LEU D 223 2.87 -10.88 -16.40
C LEU D 223 2.36 -12.33 -16.60
N ALA D 224 2.69 -13.22 -15.65
CA ALA D 224 2.29 -14.65 -15.62
C ALA D 224 0.77 -14.81 -15.70
N GLN D 225 0.02 -13.99 -14.93
CA GLN D 225 -1.44 -14.00 -14.90
C GLN D 225 -2.01 -13.50 -16.24
N LEU D 226 -1.37 -12.48 -16.85
CA LEU D 226 -1.77 -11.91 -18.14
C LEU D 226 -1.50 -12.90 -19.29
N PHE D 227 -0.38 -13.65 -19.19
CA PHE D 227 0.05 -14.67 -20.15
C PHE D 227 -0.95 -15.83 -20.20
N ILE D 228 -1.46 -16.25 -19.03
CA ILE D 228 -2.44 -17.32 -18.89
C ILE D 228 -3.78 -16.86 -19.50
N TRP D 229 -4.09 -15.54 -19.39
CA TRP D 229 -5.30 -14.96 -19.98
C TRP D 229 -5.19 -14.92 -21.51
N VAL D 230 -4.05 -14.44 -22.04
CA VAL D 230 -3.80 -14.32 -23.49
C VAL D 230 -4.05 -15.67 -24.17
N LEU D 231 -3.44 -16.76 -23.63
CA LEU D 231 -3.55 -18.13 -24.15
C LEU D 231 -5.00 -18.63 -24.13
N ARG D 232 -5.81 -18.13 -23.19
CA ARG D 232 -7.21 -18.55 -23.01
C ARG D 232 -8.23 -17.69 -23.74
N GLU D 233 -8.03 -16.35 -23.84
CA GLU D 233 -9.07 -15.50 -24.44
C GLU D 233 -8.60 -14.50 -25.53
N TYR D 234 -7.30 -14.42 -25.88
CA TYR D 234 -6.82 -13.49 -26.91
C TYR D 234 -6.67 -14.23 -28.26
N ASN D 235 -7.65 -14.05 -29.16
CA ASN D 235 -7.71 -14.73 -30.46
C ASN D 235 -7.01 -13.99 -31.62
N GLU D 236 -6.51 -12.75 -31.41
CA GLU D 236 -5.82 -11.98 -32.45
C GLU D 236 -4.46 -12.58 -32.79
N VAL D 237 -3.99 -12.36 -34.03
CA VAL D 237 -2.68 -12.83 -34.48
C VAL D 237 -1.65 -11.72 -34.20
N GLU D 238 -2.09 -10.44 -34.33
CA GLU D 238 -1.28 -9.26 -34.01
C GLU D 238 -0.85 -9.32 -32.54
N PRO D 239 0.39 -8.94 -32.17
CA PRO D 239 0.78 -9.05 -30.75
C PRO D 239 0.03 -8.08 -29.83
N ILE D 240 0.23 -8.24 -28.51
CA ILE D 240 -0.39 -7.40 -27.48
C ILE D 240 0.68 -7.01 -26.47
N ILE D 241 0.77 -5.70 -26.18
CA ILE D 241 1.74 -5.18 -25.21
C ILE D 241 1.23 -5.49 -23.79
N LEU D 242 1.98 -6.33 -23.06
CA LEU D 242 1.65 -6.66 -21.66
C LEU D 242 2.56 -5.82 -20.77
N SER D 243 2.12 -4.60 -20.48
CA SER D 243 2.90 -3.66 -19.67
C SER D 243 2.03 -2.81 -18.79
N VAL D 244 2.69 -2.04 -17.93
CA VAL D 244 2.08 -1.06 -17.06
C VAL D 244 1.82 0.21 -17.92
N GLY D 245 0.96 1.11 -17.44
CA GLY D 245 0.63 2.34 -18.15
C GLY D 245 1.80 3.26 -18.46
N GLU D 246 1.63 4.14 -19.47
CA GLU D 246 2.63 5.12 -19.91
C GLU D 246 3.06 6.03 -18.76
N GLU D 247 2.11 6.40 -17.87
CA GLU D 247 2.30 7.25 -16.69
C GLU D 247 3.13 6.56 -15.59
N ASP D 248 3.15 5.21 -15.57
CA ASP D 248 3.90 4.42 -14.59
C ASP D 248 5.33 4.12 -15.04
N GLU D 249 5.87 4.93 -15.97
CA GLU D 249 7.25 4.82 -16.43
C GLU D 249 8.14 5.51 -15.39
N VAL D 250 9.24 4.84 -15.03
CA VAL D 250 10.19 5.23 -13.99
C VAL D 250 11.64 5.34 -14.57
N SER D 251 12.49 6.18 -13.96
CA SER D 251 13.89 6.34 -14.39
C SER D 251 14.78 5.35 -13.65
N ILE D 252 16.00 5.08 -14.15
CA ILE D 252 16.93 4.15 -13.49
C ILE D 252 17.21 4.63 -12.05
N LYS D 253 17.28 5.98 -11.82
CA LYS D 253 17.50 6.58 -10.50
C LYS D 253 16.39 6.17 -9.54
N GLU D 254 15.11 6.28 -9.99
CA GLU D 254 13.91 5.95 -9.22
C GLU D 254 13.86 4.45 -8.90
N ALA D 255 14.18 3.58 -9.89
CA ALA D 255 14.21 2.13 -9.72
C ALA D 255 15.30 1.71 -8.70
N ALA D 256 16.50 2.33 -8.78
CA ALA D 256 17.62 2.10 -7.85
C ALA D 256 17.25 2.52 -6.43
N GLU D 257 16.47 3.62 -6.30
CA GLU D 257 15.97 4.16 -5.02
C GLU D 257 15.01 3.15 -4.35
N ALA D 258 14.18 2.47 -5.16
CA ALA D 258 13.22 1.45 -4.70
C ALA D 258 13.95 0.21 -4.16
N VAL D 259 15.08 -0.16 -4.81
CA VAL D 259 15.91 -1.30 -4.42
C VAL D 259 16.69 -0.94 -3.13
N VAL D 260 17.21 0.30 -3.05
CA VAL D 260 17.95 0.82 -1.88
C VAL D 260 17.06 0.87 -0.63
N GLU D 261 15.77 1.23 -0.80
CA GLU D 261 14.79 1.30 0.28
C GLU D 261 14.33 -0.09 0.73
N ALA D 262 14.09 -1.03 -0.23
CA ALA D 262 13.63 -2.39 0.03
C ALA D 262 14.69 -3.24 0.74
N MET D 263 15.96 -3.00 0.44
CA MET D 263 17.08 -3.72 1.03
C MET D 263 17.66 -2.97 2.25
N ASP D 264 17.07 -1.78 2.57
CA ASP D 264 17.42 -0.87 3.67
C ASP D 264 18.92 -0.55 3.66
N PHE D 265 19.41 -0.10 2.49
CA PHE D 265 20.81 0.28 2.27
C PHE D 265 21.01 1.72 2.72
N HIS D 266 21.92 1.94 3.68
CA HIS D 266 22.18 3.27 4.22
C HIS D 266 23.55 3.80 3.77
N GLY D 267 24.20 3.05 2.87
CA GLY D 267 25.48 3.40 2.30
C GLY D 267 25.37 4.42 1.17
N GLU D 268 26.53 4.77 0.59
CA GLU D 268 26.62 5.75 -0.49
C GLU D 268 26.16 5.16 -1.83
N VAL D 269 25.60 6.03 -2.69
CA VAL D 269 25.11 5.65 -4.02
C VAL D 269 25.80 6.57 -5.04
N THR D 270 26.70 5.99 -5.85
CA THR D 270 27.45 6.69 -6.89
C THR D 270 26.97 6.23 -8.30
N PHE D 271 27.20 7.06 -9.33
CA PHE D 271 26.79 6.78 -10.71
C PHE D 271 27.98 6.74 -11.67
N ASP D 272 28.18 5.58 -12.34
CA ASP D 272 29.24 5.39 -13.32
C ASP D 272 28.76 5.93 -14.66
N THR D 273 28.90 7.25 -14.82
CA THR D 273 28.50 8.07 -15.96
C THR D 273 29.14 7.55 -17.27
N THR D 274 30.32 6.90 -17.17
CA THR D 274 31.09 6.35 -18.29
C THR D 274 30.37 5.15 -18.95
N LYS D 275 29.61 4.39 -18.13
CA LYS D 275 28.87 3.21 -18.57
C LYS D 275 27.70 3.57 -19.49
N SER D 276 27.39 2.68 -20.44
CA SER D 276 26.33 2.85 -21.43
C SER D 276 24.95 2.91 -20.79
N ASP D 277 24.13 3.82 -21.31
CA ASP D 277 22.74 4.03 -20.89
C ASP D 277 21.78 3.21 -21.76
N GLY D 278 22.28 2.74 -22.91
CA GLY D 278 21.49 2.03 -23.90
C GLY D 278 20.44 2.96 -24.47
N GLN D 279 19.25 2.42 -24.76
CA GLN D 279 18.11 3.17 -25.27
C GLN D 279 17.55 4.01 -24.13
N PHE D 280 17.44 5.34 -24.34
CA PHE D 280 16.93 6.26 -23.32
C PHE D 280 15.47 5.96 -22.93
N LYS D 281 14.60 5.79 -23.93
CA LYS D 281 13.16 5.55 -23.79
C LYS D 281 12.68 4.45 -24.72
N LYS D 282 11.57 3.81 -24.34
CA LYS D 282 10.84 2.79 -25.12
C LYS D 282 9.43 2.68 -24.57
N THR D 283 8.83 3.87 -24.24
CA THR D 283 7.49 4.05 -23.66
C THR D 283 6.41 3.34 -24.49
N ALA D 284 5.90 2.23 -23.94
CA ALA D 284 4.87 1.42 -24.57
C ALA D 284 3.49 1.81 -24.07
N SER D 285 2.46 1.68 -24.94
CA SER D 285 1.07 1.97 -24.61
C SER D 285 0.30 0.67 -24.44
N ASN D 286 -0.31 0.48 -23.24
CA ASN D 286 -1.09 -0.71 -22.90
C ASN D 286 -2.60 -0.47 -23.16
N SER D 287 -2.91 0.30 -24.23
CA SER D 287 -4.27 0.63 -24.63
C SER D 287 -5.03 -0.61 -25.11
N LYS D 288 -4.36 -1.51 -25.87
CA LYS D 288 -4.95 -2.76 -26.36
C LYS D 288 -5.27 -3.68 -25.18
N LEU D 289 -4.38 -3.71 -24.16
CA LEU D 289 -4.55 -4.50 -22.93
C LEU D 289 -5.69 -3.94 -22.08
N ARG D 290 -5.79 -2.60 -21.99
CA ARG D 290 -6.82 -1.92 -21.19
C ARG D 290 -8.21 -2.03 -21.84
N THR D 291 -8.29 -2.24 -23.18
CA THR D 291 -9.58 -2.42 -23.86
C THR D 291 -10.11 -3.83 -23.59
N TYR D 292 -9.21 -4.80 -23.35
CA TYR D 292 -9.54 -6.19 -23.03
C TYR D 292 -9.72 -6.41 -21.53
N LEU D 293 -8.73 -5.97 -20.72
CA LEU D 293 -8.73 -6.12 -19.27
C LEU D 293 -8.68 -4.75 -18.56
N PRO D 294 -9.83 -4.03 -18.45
CA PRO D 294 -9.80 -2.73 -17.76
C PRO D 294 -9.81 -2.87 -16.23
N ASP D 295 -10.20 -4.06 -15.71
CA ASP D 295 -10.30 -4.34 -14.27
C ASP D 295 -9.06 -5.06 -13.70
N PHE D 296 -8.01 -5.28 -14.51
CA PHE D 296 -6.80 -5.95 -14.01
C PHE D 296 -5.96 -4.98 -13.15
N ARG D 297 -5.63 -5.42 -11.94
CA ARG D 297 -4.83 -4.65 -10.98
C ARG D 297 -3.39 -5.17 -10.92
N PHE D 298 -2.42 -4.26 -11.12
CA PHE D 298 -0.99 -4.57 -11.06
C PHE D 298 -0.48 -4.48 -9.61
N THR D 299 0.59 -5.22 -9.29
CA THR D 299 1.21 -5.20 -7.97
C THR D 299 2.00 -3.89 -7.84
N PRO D 300 1.80 -3.09 -6.77
CA PRO D 300 2.57 -1.83 -6.62
C PRO D 300 4.07 -2.10 -6.71
N PHE D 301 4.79 -1.34 -7.55
CA PHE D 301 6.22 -1.48 -7.85
C PHE D 301 7.09 -1.69 -6.60
N LYS D 302 6.92 -0.83 -5.57
CA LYS D 302 7.68 -0.91 -4.32
C LYS D 302 7.42 -2.24 -3.58
N GLN D 303 6.17 -2.74 -3.61
CA GLN D 303 5.79 -4.02 -2.98
C GLN D 303 6.41 -5.20 -3.72
N ALA D 304 6.42 -5.12 -5.07
CA ALA D 304 6.98 -6.14 -5.95
C ALA D 304 8.52 -6.19 -5.84
N VAL D 305 9.17 -5.01 -5.74
CA VAL D 305 10.63 -4.89 -5.58
C VAL D 305 11.03 -5.52 -4.22
N LYS D 306 10.31 -5.17 -3.14
CA LYS D 306 10.56 -5.70 -1.79
C LYS D 306 10.43 -7.23 -1.77
N GLU D 307 9.39 -7.78 -2.44
CA GLU D 307 9.14 -9.22 -2.56
C GLU D 307 10.30 -9.93 -3.29
N THR D 308 10.84 -9.29 -4.34
CA THR D 308 11.96 -9.78 -5.15
C THR D 308 13.26 -9.74 -4.31
N CYS D 309 13.50 -8.62 -3.60
CA CYS D 309 14.67 -8.42 -2.75
C CYS D 309 14.68 -9.45 -1.61
N ALA D 310 13.50 -9.69 -0.99
CA ALA D 310 13.33 -10.68 0.09
C ALA D 310 13.63 -12.08 -0.41
N TRP D 311 13.17 -12.43 -1.64
CA TRP D 311 13.41 -13.74 -2.25
C TRP D 311 14.91 -13.97 -2.46
N PHE D 312 15.64 -12.96 -2.99
CA PHE D 312 17.08 -13.03 -3.26
C PHE D 312 17.88 -13.15 -1.96
N THR D 313 17.44 -12.49 -0.88
CA THR D 313 18.12 -12.56 0.41
C THR D 313 17.91 -13.95 1.07
N ASP D 314 16.69 -14.51 0.97
CA ASP D 314 16.33 -15.82 1.55
C ASP D 314 16.88 -16.99 0.72
N ASN D 315 16.85 -16.88 -0.63
CA ASN D 315 17.33 -17.94 -1.56
C ASN D 315 18.59 -17.50 -2.32
N TYR D 316 19.55 -16.86 -1.61
CA TYR D 316 20.80 -16.35 -2.20
C TYR D 316 21.69 -17.43 -2.80
N GLU D 317 21.91 -18.55 -2.08
CA GLU D 317 22.76 -19.66 -2.51
C GLU D 317 22.20 -20.37 -3.75
N GLN D 318 20.87 -20.42 -3.90
CA GLN D 318 20.18 -21.06 -5.02
C GLN D 318 20.04 -20.12 -6.23
N ALA D 319 20.00 -18.80 -6.00
CA ALA D 319 19.81 -17.74 -7.01
C ALA D 319 20.87 -17.76 -8.13
N ARG D 320 20.43 -17.44 -9.36
CA ARG D 320 21.25 -17.37 -10.56
C ARG D 320 22.05 -16.06 -10.59
#